data_7L5I
#
_entry.id   7L5I
#
_cell.length_a   58.200
_cell.length_b   93.681
_cell.length_c   132.777
_cell.angle_alpha   90.000
_cell.angle_beta   90.000
_cell.angle_gamma   90.000
#
_symmetry.space_group_name_H-M   'P 21 21 21'
#
loop_
_entity.id
_entity.type
_entity.pdbx_description
1 polymer 'Trimethylamine-N-oxide reductase'
2 non-polymer '4-(2-HYDROXYETHYL)-1-PIPERAZINE ETHANESULFONIC ACID'
3 non-polymer '2-AMINO-5,6-DIMERCAPTO-7-METHYL-3,7,8A,9-TETRAHYDRO-8-OXA-1,3,9,10-TETRAAZA-ANTHRACEN-4-ONE GUANOSINE DINUCLEOTIDE'
4 non-polymer 'MOLYBDENUM ATOM'
5 non-polymer 'CHLORIDE ION'
6 non-polymer 'OXYGEN ATOM'
7 water water
#
_entity_poly.entity_id   1
_entity_poly.type   'polypeptide(L)'
_entity_poly.pdbx_seq_one_letter_code
;MSYYHHHHHHDYDIPTTENLYFQGAMGSKEAEMKTVVTAAHWGSIGVVVQDGKVVKSGPAIEPAVPNELQTVVADQLYSE
ARVKCPMVRKGFLANPGKSDTTMRGRDEWVRVSWDEALDLVHNQLKRVRDEHGSTGIFAGSYGWFSCGSLHASRTLLQRY
MNATGGFVGHKGDYSTGAAQVIMPHVLGTIEVYEQQTSWESILESSDIIVLWSANPLTTMRIAWMSTDQKGIEYFKKFQA
SGKRIICIDPQKSETCQMLNAEWIPVNTATDVPLMLGIAHTLVEQGKHDKDFLKKYTSGYAKFEEYLLGKTDGQPKTAEW
AAKICGVPAETIKQLAADFASKRTMLMGGWGMQRQRHGEQTHWMLVTLASMLGQIGLPGGGFGLSYHYSNGGVPTATGGI
IGSITASPSGKAGAKTWLDDTSKSAFPLARIADVLLHPGKKIQYNGTEITYPDIKAVYWAGGNPFVHHQDTNTLVKAFQK
PDVVIVNEVNWTPTARMADIVLPATTSYERNDLTMAGDYSMMSVYPMKQVVPPQFEAKNDYDIFVELAKRAGVEEQYTEG
KTEMEWLEEFYNAAFSAARANRVAMPRFDKFWAENKPLSFEAGEAAKKWVRYGEFREDPLLNPLGTPSGKIEIFSDVVEK
MNYNDCKGHPSWMEPEEFAGNVTEEYPLALVTPHPYYRLHSQLAHTSLRQKYAVNDREPVMIHPEDAAARGIKDGDIVRI
HSKRGQVLAGAAVTENIIKGTVALHEGAWYDPMYLGESEKPLCKNGCANVLTRDEGTSKLAQGNSPNTCIVQIEKFIGVA
PEVTVFKQPKQVA
;
_entity_poly.pdbx_strand_id   A
#
loop_
_chem_comp.id
_chem_comp.type
_chem_comp.name
_chem_comp.formula
CL non-polymer 'CHLORIDE ION' 'Cl -1'
EPE non-polymer '4-(2-HYDROXYETHYL)-1-PIPERAZINE ETHANESULFONIC ACID' 'C8 H18 N2 O4 S'
MGD non-polymer '2-AMINO-5,6-DIMERCAPTO-7-METHYL-3,7,8A,9-TETRAHYDRO-8-OXA-1,3,9,10-TETRAAZA-ANTHRACEN-4-ONE GUANOSINE DINUCLEOTIDE' 'C20 H26 N10 O13 P2 S2'
MO non-polymer 'MOLYBDENUM ATOM' Mo
O non-polymer 'OXYGEN ATOM' O
#
# COMPACT_ATOMS: atom_id res chain seq x y z
N ALA A 31 -27.44 -27.02 21.73
CA ALA A 31 -26.29 -26.86 20.85
C ALA A 31 -26.61 -25.83 19.75
N GLU A 32 -26.13 -24.60 19.93
CA GLU A 32 -26.49 -23.49 19.06
C GLU A 32 -25.36 -23.13 18.10
N MET A 33 -25.75 -22.64 16.92
CA MET A 33 -24.80 -22.07 15.95
C MET A 33 -24.66 -20.59 16.32
N LYS A 34 -23.54 -20.25 16.98
CA LYS A 34 -23.35 -18.91 17.52
C LYS A 34 -22.37 -18.07 16.71
N THR A 35 -22.07 -18.49 15.49
CA THR A 35 -21.07 -17.85 14.65
C THR A 35 -21.77 -16.97 13.63
N VAL A 36 -21.30 -15.73 13.51
CA VAL A 36 -21.69 -14.83 12.44
C VAL A 36 -20.51 -14.75 11.48
N VAL A 37 -20.79 -14.82 10.18
CA VAL A 37 -19.75 -14.72 9.18
C VAL A 37 -19.69 -13.28 8.66
N THR A 38 -18.50 -12.71 8.66
CA THR A 38 -18.28 -11.39 8.10
C THR A 38 -16.92 -11.42 7.41
N ALA A 39 -16.32 -10.25 7.21
CA ALA A 39 -15.09 -10.23 6.43
C ALA A 39 -14.28 -8.97 6.71
N ALA A 40 -13.00 -9.05 6.34
CA ALA A 40 -12.09 -7.91 6.43
C ALA A 40 -11.12 -8.00 5.26
N HIS A 41 -10.24 -6.99 5.14
CA HIS A 41 -9.19 -7.08 4.13
C HIS A 41 -8.42 -8.39 4.30
N TRP A 42 -8.28 -8.86 5.55
CA TRP A 42 -7.56 -10.08 5.86
C TRP A 42 -8.43 -11.35 5.85
N GLY A 43 -9.58 -11.33 5.15
CA GLY A 43 -10.28 -12.55 4.79
C GLY A 43 -11.68 -12.63 5.35
N SER A 44 -12.36 -13.72 4.98
CA SER A 44 -13.65 -14.05 5.56
C SER A 44 -13.44 -14.53 6.99
N ILE A 45 -14.26 -14.02 7.92
CA ILE A 45 -14.06 -14.20 9.36
C ILE A 45 -15.30 -14.84 9.96
N GLY A 46 -15.12 -15.88 10.76
CA GLY A 46 -16.19 -16.42 11.56
C GLY A 46 -16.05 -15.88 12.98
N VAL A 47 -17.11 -15.23 13.47
CA VAL A 47 -17.09 -14.54 14.76
C VAL A 47 -18.08 -15.23 15.69
N VAL A 48 -17.58 -15.71 16.83
CA VAL A 48 -18.43 -16.36 17.83
C VAL A 48 -18.93 -15.31 18.80
N VAL A 49 -20.25 -15.29 19.02
CA VAL A 49 -20.91 -14.34 19.90
C VAL A 49 -21.59 -15.13 21.01
N GLN A 50 -21.34 -14.70 22.26
CA GLN A 50 -21.89 -15.33 23.46
C GLN A 50 -22.57 -14.24 24.28
N ASP A 51 -23.90 -14.30 24.37
CA ASP A 51 -24.67 -13.32 25.15
C ASP A 51 -24.43 -11.90 24.65
N GLY A 52 -24.39 -11.73 23.34
CA GLY A 52 -24.17 -10.41 22.76
C GLY A 52 -22.76 -9.88 22.84
N LYS A 53 -21.77 -10.68 23.27
CA LYS A 53 -20.38 -10.24 23.29
C LYS A 53 -19.55 -11.14 22.37
N VAL A 54 -18.66 -10.51 21.58
CA VAL A 54 -17.74 -11.27 20.76
C VAL A 54 -16.68 -11.92 21.63
N VAL A 55 -16.53 -13.23 21.48
CA VAL A 55 -15.57 -14.00 22.27
C VAL A 55 -14.53 -14.71 21.43
N LYS A 56 -14.70 -14.84 20.11
CA LYS A 56 -13.69 -15.49 19.30
C LYS A 56 -13.87 -15.06 17.86
N SER A 57 -12.75 -14.91 17.16
CA SER A 57 -12.80 -14.71 15.71
C SER A 57 -11.66 -15.48 15.07
N GLY A 58 -11.91 -15.94 13.85
CA GLY A 58 -10.92 -16.67 13.08
C GLY A 58 -11.41 -16.84 11.67
N PRO A 59 -10.69 -17.62 10.87
CA PRO A 59 -11.05 -17.75 9.46
C PRO A 59 -12.32 -18.53 9.28
N ALA A 60 -13.16 -18.04 8.37
CA ALA A 60 -14.34 -18.79 7.97
C ALA A 60 -13.98 -19.91 7.01
N ILE A 61 -12.85 -19.80 6.33
CA ILE A 61 -12.35 -20.79 5.39
C ILE A 61 -10.91 -21.10 5.78
N GLU A 62 -10.59 -22.36 6.03
CA GLU A 62 -9.26 -22.68 6.56
C GLU A 62 -8.17 -22.25 5.58
N PRO A 63 -7.18 -21.46 6.02
CA PRO A 63 -6.10 -21.05 5.12
C PRO A 63 -4.92 -22.01 5.18
N ALA A 64 -4.03 -21.88 4.20
CA ALA A 64 -2.84 -22.71 4.16
C ALA A 64 -1.85 -22.35 5.26
N VAL A 65 -1.82 -21.08 5.68
CA VAL A 65 -0.96 -20.56 6.74
C VAL A 65 -1.85 -19.76 7.68
N PRO A 66 -1.71 -19.89 9.00
CA PRO A 66 -2.54 -19.07 9.89
C PRO A 66 -2.35 -17.58 9.62
N ASN A 67 -3.46 -16.86 9.73
CA ASN A 67 -3.50 -15.42 9.55
C ASN A 67 -4.01 -14.82 10.87
N GLU A 68 -3.06 -14.43 11.73
CA GLU A 68 -3.39 -13.91 13.05
C GLU A 68 -4.17 -12.60 13.00
N LEU A 69 -4.17 -11.90 11.85
CA LEU A 69 -4.96 -10.68 11.75
C LEU A 69 -6.45 -10.96 11.95
N GLN A 70 -6.89 -12.19 11.71
CA GLN A 70 -8.29 -12.56 11.82
C GLN A 70 -8.77 -12.76 13.24
N THR A 71 -7.88 -12.70 14.22
CA THR A 71 -8.17 -13.21 15.56
C THR A 71 -8.52 -12.11 16.57
N VAL A 72 -8.63 -10.85 16.15
CA VAL A 72 -8.76 -9.76 17.13
C VAL A 72 -9.99 -8.88 16.91
N VAL A 73 -11.11 -9.48 16.49
CA VAL A 73 -12.34 -8.72 16.32
C VAL A 73 -12.79 -8.11 17.65
N ALA A 74 -12.75 -8.92 18.73
CA ALA A 74 -13.13 -8.39 20.04
C ALA A 74 -12.27 -7.18 20.43
N ASP A 75 -10.94 -7.26 20.23
CA ASP A 75 -10.09 -6.13 20.54
C ASP A 75 -10.47 -4.91 19.72
N GLN A 76 -10.85 -5.12 18.46
CA GLN A 76 -11.23 -3.98 17.63
C GLN A 76 -12.51 -3.34 18.15
N LEU A 77 -13.46 -4.17 18.61
CA LEU A 77 -14.75 -3.69 19.06
C LEU A 77 -14.67 -2.95 20.39
N TYR A 78 -13.86 -3.46 21.31
CA TYR A 78 -13.95 -3.05 22.71
C TYR A 78 -12.74 -2.28 23.19
N SER A 79 -11.82 -1.93 22.29
CA SER A 79 -10.61 -1.26 22.67
C SER A 79 -10.87 0.08 23.34
N GLU A 80 -10.06 0.38 24.37
CA GLU A 80 -10.11 1.71 24.96
C GLU A 80 -9.44 2.76 24.07
N ALA A 81 -8.88 2.38 22.92
CA ALA A 81 -8.42 3.35 21.95
C ALA A 81 -9.54 3.85 21.05
N ARG A 82 -10.73 3.27 21.13
CA ARG A 82 -11.78 3.70 20.20
C ARG A 82 -12.24 5.13 20.51
N VAL A 83 -12.63 5.83 19.45
CA VAL A 83 -13.30 7.11 19.66
C VAL A 83 -14.71 6.83 20.15
N LYS A 84 -15.04 7.32 21.34
CA LYS A 84 -16.31 6.93 21.96
C LYS A 84 -17.46 7.88 21.63
N CYS A 85 -17.15 9.14 21.37
N CYS A 85 -17.17 9.16 21.43
CA CYS A 85 -18.18 10.12 21.11
CA CYS A 85 -18.18 10.18 21.23
C CYS A 85 -17.60 11.22 20.26
C CYS A 85 -17.59 11.27 20.35
N PRO A 86 -18.42 12.09 19.70
CA PRO A 86 -17.89 13.25 18.96
C PRO A 86 -17.10 14.17 19.89
N MET A 87 -15.94 14.61 19.41
CA MET A 87 -15.03 15.45 20.19
C MET A 87 -14.57 16.62 19.32
N VAL A 88 -14.43 17.78 19.94
CA VAL A 88 -13.91 18.98 19.30
C VAL A 88 -12.80 19.56 20.16
N ARG A 89 -11.73 20.04 19.53
CA ARG A 89 -10.68 20.73 20.27
C ARG A 89 -11.25 21.92 21.03
N LYS A 90 -10.81 22.06 22.29
CA LYS A 90 -11.20 23.22 23.10
C LYS A 90 -10.99 24.54 22.37
N GLY A 91 -9.80 24.74 21.79
CA GLY A 91 -9.50 26.01 21.17
C GLY A 91 -10.26 26.25 19.88
N PHE A 92 -10.63 25.18 19.20
CA PHE A 92 -11.45 25.32 18.01
C PHE A 92 -12.88 25.67 18.38
N LEU A 93 -13.42 25.02 19.42
CA LEU A 93 -14.79 25.36 19.85
C LEU A 93 -14.89 26.85 20.18
N ALA A 94 -13.82 27.41 20.75
CA ALA A 94 -13.85 28.80 21.19
C ALA A 94 -13.92 29.77 20.02
N ASN A 95 -13.21 29.48 18.93
CA ASN A 95 -13.15 30.34 17.76
C ASN A 95 -13.14 29.49 16.50
N PRO A 96 -14.28 28.93 16.12
CA PRO A 96 -14.29 27.96 15.03
C PRO A 96 -13.79 28.57 13.73
N GLY A 97 -12.79 27.90 13.12
CA GLY A 97 -12.21 28.32 11.87
C GLY A 97 -11.31 29.54 11.97
N LYS A 98 -11.09 30.04 13.19
CA LYS A 98 -10.25 31.21 13.42
C LYS A 98 -9.35 30.98 14.62
N SER A 99 -9.05 29.74 14.94
CA SER A 99 -8.31 29.40 16.14
C SER A 99 -6.80 29.48 15.91
N ASP A 100 -6.06 29.33 17.01
CA ASP A 100 -4.59 29.15 16.98
C ASP A 100 -4.33 27.70 16.56
N THR A 101 -4.01 27.51 15.28
CA THR A 101 -3.91 26.13 14.77
C THR A 101 -2.64 25.43 15.20
N THR A 102 -1.70 26.14 15.83
CA THR A 102 -0.53 25.45 16.37
C THR A 102 -0.90 24.61 17.58
N MET A 103 -2.11 24.75 18.09
CA MET A 103 -2.58 23.88 19.14
C MET A 103 -3.06 22.52 18.63
N ARG A 104 -3.10 22.30 17.32
CA ARG A 104 -3.45 20.97 16.83
C ARG A 104 -2.42 19.96 17.33
N GLY A 105 -2.91 18.84 17.86
CA GLY A 105 -2.07 17.80 18.39
C GLY A 105 -1.72 17.95 19.85
N ARG A 106 -2.09 19.07 20.49
CA ARG A 106 -1.68 19.30 21.87
C ARG A 106 -2.72 20.07 22.68
N ASP A 107 -3.98 20.03 22.28
CA ASP A 107 -5.06 20.77 22.92
C ASP A 107 -5.89 19.80 23.73
N GLU A 108 -6.74 20.34 24.59
CA GLU A 108 -7.70 19.49 25.31
C GLU A 108 -8.91 19.25 24.41
N TRP A 109 -9.55 18.08 24.60
CA TRP A 109 -10.71 17.71 23.80
C TRP A 109 -11.99 17.89 24.59
N VAL A 110 -13.03 18.34 23.92
CA VAL A 110 -14.34 18.54 24.52
C VAL A 110 -15.32 17.58 23.88
N ARG A 111 -16.01 16.77 24.70
CA ARG A 111 -17.07 15.93 24.18
C ARG A 111 -18.29 16.76 23.87
N VAL A 112 -18.89 16.52 22.71
CA VAL A 112 -20.09 17.23 22.27
C VAL A 112 -21.09 16.21 21.75
N SER A 113 -22.32 16.68 21.51
CA SER A 113 -23.33 15.82 20.95
C SER A 113 -23.12 15.67 19.44
N TRP A 114 -23.75 14.65 18.88
CA TRP A 114 -23.77 14.52 17.42
C TRP A 114 -24.40 15.74 16.77
N ASP A 115 -25.52 16.23 17.31
CA ASP A 115 -26.16 17.41 16.72
C ASP A 115 -25.20 18.60 16.68
N GLU A 116 -24.47 18.84 17.77
CA GLU A 116 -23.54 19.97 17.82
C GLU A 116 -22.38 19.77 16.85
N ALA A 117 -21.84 18.55 16.79
CA ALA A 117 -20.71 18.29 15.92
C ALA A 117 -21.08 18.40 14.46
N LEU A 118 -22.22 17.84 14.07
CA LEU A 118 -22.64 17.87 12.68
C LEU A 118 -22.99 19.27 12.23
N ASP A 119 -23.65 20.06 13.10
CA ASP A 119 -23.90 21.47 12.80
C ASP A 119 -22.59 22.22 12.56
N LEU A 120 -21.57 21.93 13.40
CA LEU A 120 -20.29 22.61 13.27
C LEU A 120 -19.57 22.22 11.99
N VAL A 121 -19.55 20.93 11.66
CA VAL A 121 -18.95 20.51 10.39
C VAL A 121 -19.64 21.20 9.22
N HIS A 122 -20.97 21.16 9.21
CA HIS A 122 -21.69 21.76 8.11
C HIS A 122 -21.37 23.24 7.99
N ASN A 123 -21.40 23.95 9.11
CA ASN A 123 -21.17 25.39 9.08
C ASN A 123 -19.74 25.73 8.66
N GLN A 124 -18.76 24.96 9.12
CA GLN A 124 -17.37 25.21 8.75
C GLN A 124 -17.09 24.90 7.29
N LEU A 125 -17.70 23.84 6.75
CA LEU A 125 -17.51 23.55 5.34
C LEU A 125 -18.28 24.55 4.48
N LYS A 126 -19.48 24.94 4.92
CA LYS A 126 -20.23 25.96 4.21
C LYS A 126 -19.45 27.26 4.11
N ARG A 127 -18.76 27.64 5.20
CA ARG A 127 -17.97 28.86 5.17
C ARG A 127 -16.91 28.78 4.09
N VAL A 128 -16.18 27.66 4.02
CA VAL A 128 -15.14 27.53 3.01
C VAL A 128 -15.75 27.51 1.61
N ARG A 129 -16.87 26.79 1.43
CA ARG A 129 -17.50 26.77 0.12
C ARG A 129 -17.94 28.17 -0.30
N ASP A 130 -18.45 28.95 0.64
CA ASP A 130 -18.94 30.29 0.30
C ASP A 130 -17.78 31.24 -0.02
N GLU A 131 -16.66 31.09 0.69
CA GLU A 131 -15.55 32.02 0.55
C GLU A 131 -14.52 31.57 -0.48
N HIS A 132 -14.36 30.27 -0.70
CA HIS A 132 -13.34 29.75 -1.62
C HIS A 132 -13.82 28.70 -2.61
N GLY A 133 -14.90 28.01 -2.35
CA GLY A 133 -15.45 27.07 -3.28
C GLY A 133 -14.77 25.73 -3.12
N SER A 134 -15.04 24.83 -4.08
CA SER A 134 -14.59 23.46 -3.96
C SER A 134 -13.08 23.33 -4.01
N THR A 135 -12.40 24.25 -4.68
CA THR A 135 -10.95 24.20 -4.72
C THR A 135 -10.28 24.60 -3.40
N GLY A 136 -11.04 24.94 -2.36
CA GLY A 136 -10.52 25.14 -1.03
C GLY A 136 -10.70 23.97 -0.07
N ILE A 137 -11.28 22.86 -0.54
CA ILE A 137 -11.56 21.69 0.31
C ILE A 137 -10.77 20.50 -0.22
N PHE A 138 -9.90 19.93 0.61
CA PHE A 138 -9.20 18.72 0.22
C PHE A 138 -9.89 17.53 0.87
N ALA A 139 -10.33 16.58 0.04
CA ALA A 139 -10.94 15.35 0.54
C ALA A 139 -10.44 14.15 -0.26
N GLY A 140 -9.18 14.20 -0.72
CA GLY A 140 -8.55 13.01 -1.27
C GLY A 140 -8.59 11.83 -0.31
N SER A 141 -8.34 12.09 0.96
CA SER A 141 -8.62 11.14 2.02
C SER A 141 -8.03 9.75 1.74
N TYR A 142 -6.76 9.71 1.33
CA TYR A 142 -6.16 8.44 1.00
C TYR A 142 -6.16 7.50 2.19
N GLY A 143 -6.47 6.25 1.94
CA GLY A 143 -6.29 5.21 2.94
C GLY A 143 -6.95 3.91 2.53
N TRP A 144 -6.78 2.91 3.40
CA TRP A 144 -7.31 1.57 3.16
C TRP A 144 -8.63 1.29 3.84
N PHE A 145 -9.01 2.08 4.86
CA PHE A 145 -10.25 1.88 5.61
C PHE A 145 -10.57 0.39 5.73
N SER A 146 -11.82 -0.02 5.52
CA SER A 146 -12.24 -1.40 5.61
C SER A 146 -12.87 -1.84 4.30
N CYS A 147 -12.84 -3.14 4.04
CA CYS A 147 -13.51 -3.63 2.82
C CYS A 147 -15.02 -3.47 2.95
N GLY A 148 -15.72 -3.59 1.81
CA GLY A 148 -17.17 -3.46 1.81
C GLY A 148 -17.66 -2.63 0.64
N SER A 149 -18.69 -3.14 -0.05
CA SER A 149 -19.27 -2.44 -1.18
C SER A 149 -19.96 -1.15 -0.78
N LEU A 150 -20.64 -1.15 0.37
CA LEU A 150 -21.41 0.00 0.79
C LEU A 150 -20.65 0.91 1.75
N HIS A 151 -20.11 0.36 2.82
CA HIS A 151 -19.53 1.17 3.89
C HIS A 151 -18.05 1.41 3.63
N ALA A 152 -17.80 2.08 2.52
CA ALA A 152 -16.47 2.46 2.05
C ALA A 152 -16.26 3.90 2.47
N SER A 153 -15.60 4.12 3.61
CA SER A 153 -15.66 5.44 4.23
C SER A 153 -15.15 6.54 3.30
N ARG A 154 -14.03 6.29 2.60
CA ARG A 154 -13.48 7.31 1.74
C ARG A 154 -14.44 7.67 0.60
N THR A 155 -15.05 6.65 -0.01
CA THR A 155 -15.97 6.87 -1.10
C THR A 155 -17.21 7.61 -0.63
N LEU A 156 -17.69 7.28 0.58
CA LEU A 156 -18.87 7.96 1.12
C LEU A 156 -18.58 9.43 1.42
N LEU A 157 -17.37 9.74 1.89
CA LEU A 157 -16.97 11.13 2.06
C LEU A 157 -16.97 11.86 0.72
N GLN A 158 -16.38 11.24 -0.31
CA GLN A 158 -16.30 11.93 -1.60
C GLN A 158 -17.67 12.08 -2.23
N ARG A 159 -18.55 11.10 -2.00
CA ARG A 159 -19.94 11.19 -2.46
C ARG A 159 -20.63 12.39 -1.83
N TYR A 160 -20.44 12.58 -0.52
CA TYR A 160 -21.00 13.76 0.14
C TYR A 160 -20.38 15.04 -0.41
N MET A 161 -19.06 15.06 -0.62
CA MET A 161 -18.41 16.27 -1.11
C MET A 161 -18.90 16.61 -2.50
N ASN A 162 -19.10 15.60 -3.33
CA ASN A 162 -19.60 15.84 -4.68
C ASN A 162 -21.04 16.32 -4.66
N ALA A 163 -21.86 15.75 -3.79
CA ALA A 163 -23.25 16.20 -3.70
C ALA A 163 -23.37 17.65 -3.21
N THR A 164 -22.37 18.17 -2.51
CA THR A 164 -22.40 19.54 -2.01
C THR A 164 -21.51 20.50 -2.78
N GLY A 165 -20.99 20.12 -3.94
CA GLY A 165 -20.30 21.07 -4.78
C GLY A 165 -18.96 20.65 -5.33
N GLY A 166 -18.39 19.58 -4.81
CA GLY A 166 -17.09 19.10 -5.29
C GLY A 166 -15.99 19.30 -4.27
N PHE A 167 -14.79 18.87 -4.65
CA PHE A 167 -13.64 18.89 -3.76
C PHE A 167 -12.39 18.69 -4.58
N VAL A 168 -11.24 18.98 -3.97
CA VAL A 168 -9.94 18.65 -4.55
C VAL A 168 -9.53 17.26 -4.11
N GLY A 169 -9.22 16.38 -5.08
CA GLY A 169 -8.68 15.08 -4.80
C GLY A 169 -7.24 14.97 -5.23
N HIS A 170 -6.81 13.76 -5.58
CA HIS A 170 -5.40 13.49 -5.83
C HIS A 170 -5.25 12.52 -7.01
N LYS A 171 -3.99 12.32 -7.39
CA LYS A 171 -3.61 11.40 -8.45
C LYS A 171 -2.65 10.33 -7.90
N GLY A 172 -2.86 9.10 -8.33
CA GLY A 172 -1.96 8.02 -7.94
C GLY A 172 -2.30 7.46 -6.58
N ASP A 173 -1.33 6.76 -6.00
CA ASP A 173 -1.50 6.13 -4.68
C ASP A 173 -0.09 5.94 -4.13
N TYR A 174 -0.02 5.50 -2.87
CA TYR A 174 1.26 5.27 -2.22
C TYR A 174 1.88 3.93 -2.58
N SER A 175 1.09 3.01 -3.16
N SER A 175 1.10 3.04 -3.18
CA SER A 175 1.55 1.65 -3.40
CA SER A 175 1.52 1.66 -3.39
C SER A 175 2.50 1.58 -4.58
C SER A 175 2.46 1.54 -4.59
N THR A 176 2.11 2.20 -5.70
CA THR A 176 2.83 2.10 -6.96
C THR A 176 2.90 3.47 -7.62
N GLY A 177 3.16 4.50 -6.82
CA GLY A 177 3.13 5.86 -7.35
C GLY A 177 4.07 6.03 -8.53
N ALA A 178 5.18 5.32 -8.51
CA ALA A 178 6.13 5.40 -9.62
C ALA A 178 5.80 4.40 -10.73
N ALA A 179 5.64 3.12 -10.38
CA ALA A 179 5.46 2.08 -11.40
C ALA A 179 4.21 2.33 -12.22
N GLN A 180 3.15 2.85 -11.60
CA GLN A 180 1.92 2.99 -12.36
C GLN A 180 1.96 4.14 -13.35
N VAL A 181 2.97 4.98 -13.30
CA VAL A 181 3.15 6.05 -14.27
C VAL A 181 4.11 5.65 -15.38
N ILE A 182 5.19 4.92 -15.03
CA ILE A 182 6.13 4.49 -16.08
C ILE A 182 5.57 3.32 -16.89
N MET A 183 4.81 2.41 -16.29
CA MET A 183 4.36 1.24 -17.05
C MET A 183 3.45 1.61 -18.22
N PRO A 184 2.55 2.59 -18.13
CA PRO A 184 1.81 2.98 -19.35
C PRO A 184 2.72 3.41 -20.49
N HIS A 185 3.86 4.06 -20.21
CA HIS A 185 4.78 4.44 -21.28
C HIS A 185 5.55 3.24 -21.85
N VAL A 186 5.76 2.21 -21.04
CA VAL A 186 6.58 1.07 -21.44
C VAL A 186 5.76 -0.04 -22.05
N LEU A 187 4.58 -0.31 -21.46
CA LEU A 187 3.73 -1.43 -21.85
C LEU A 187 2.36 -1.03 -22.36
N GLY A 188 1.96 0.23 -22.21
CA GLY A 188 0.66 0.66 -22.65
C GLY A 188 -0.48 0.27 -21.73
N THR A 189 -0.17 -0.06 -20.49
CA THR A 189 -1.17 -0.51 -19.52
C THR A 189 -0.59 -0.27 -18.14
N ILE A 190 -1.47 -0.19 -17.14
CA ILE A 190 -0.97 0.14 -15.79
C ILE A 190 -0.14 -1.02 -15.23
N GLU A 191 -0.49 -2.25 -15.58
CA GLU A 191 0.28 -3.45 -15.33
C GLU A 191 0.24 -3.91 -13.87
N VAL A 192 0.42 -3.00 -12.92
CA VAL A 192 0.57 -3.43 -11.51
C VAL A 192 -0.72 -3.94 -10.89
N TYR A 193 -1.88 -3.58 -11.43
CA TYR A 193 -3.16 -3.96 -10.85
C TYR A 193 -3.97 -4.84 -11.80
N GLU A 194 -3.30 -5.70 -12.54
CA GLU A 194 -3.90 -6.56 -13.56
C GLU A 194 -3.58 -8.01 -13.28
N GLN A 195 -4.44 -8.90 -13.79
CA GLN A 195 -4.26 -10.32 -13.54
C GLN A 195 -2.95 -10.81 -14.15
N GLN A 196 -2.32 -11.75 -13.44
CA GLN A 196 -1.03 -12.31 -13.79
C GLN A 196 -1.20 -13.65 -14.50
N THR A 197 -0.12 -14.10 -15.15
CA THR A 197 -0.09 -15.46 -15.63
C THR A 197 -0.55 -16.42 -14.55
N SER A 198 -1.38 -17.36 -14.95
CA SER A 198 -1.96 -18.30 -14.00
C SER A 198 -0.91 -18.96 -13.12
N TRP A 199 -1.21 -19.02 -11.83
CA TRP A 199 -0.36 -19.78 -10.92
C TRP A 199 -0.26 -21.26 -11.30
N GLU A 200 -1.31 -21.83 -11.92
CA GLU A 200 -1.17 -23.21 -12.38
C GLU A 200 -0.09 -23.34 -13.45
N SER A 201 0.06 -22.31 -14.29
CA SER A 201 1.14 -22.30 -15.28
C SER A 201 2.50 -22.20 -14.61
N ILE A 202 2.62 -21.37 -13.56
CA ILE A 202 3.88 -21.27 -12.82
CA ILE A 202 3.88 -21.29 -12.82
C ILE A 202 4.23 -22.64 -12.22
N LEU A 203 3.26 -23.25 -11.53
CA LEU A 203 3.54 -24.51 -10.86
C LEU A 203 4.02 -25.56 -11.84
N GLU A 204 3.41 -25.61 -13.01
CA GLU A 204 3.71 -26.62 -14.01
C GLU A 204 4.99 -26.32 -14.76
N SER A 205 5.25 -25.05 -15.08
CA SER A 205 6.27 -24.72 -16.05
C SER A 205 7.41 -23.85 -15.56
N SER A 206 7.29 -23.14 -14.43
CA SER A 206 8.41 -22.33 -13.97
C SER A 206 9.45 -23.18 -13.24
N ASP A 207 10.70 -23.07 -13.66
CA ASP A 207 11.80 -23.69 -12.91
C ASP A 207 12.29 -22.81 -11.77
N ILE A 208 12.22 -21.49 -11.95
CA ILE A 208 12.70 -20.51 -10.99
C ILE A 208 11.65 -19.43 -10.87
N ILE A 209 11.33 -19.02 -9.65
CA ILE A 209 10.64 -17.76 -9.41
C ILE A 209 11.57 -16.87 -8.61
N VAL A 210 11.67 -15.62 -9.02
CA VAL A 210 12.50 -14.63 -8.36
C VAL A 210 11.60 -13.61 -7.71
N LEU A 211 11.64 -13.59 -6.38
CA LEU A 211 10.88 -12.61 -5.59
C LEU A 211 11.78 -11.39 -5.43
N TRP A 212 11.58 -10.42 -6.29
CA TRP A 212 12.44 -9.24 -6.37
C TRP A 212 11.74 -8.11 -5.65
N SER A 213 12.26 -7.73 -4.48
CA SER A 213 11.61 -6.71 -3.65
C SER A 213 10.20 -7.16 -3.27
N ALA A 214 10.04 -8.44 -2.99
CA ALA A 214 8.71 -9.03 -2.81
C ALA A 214 8.70 -9.96 -1.61
N ASN A 215 7.68 -9.78 -0.77
CA ASN A 215 7.51 -10.50 0.50
C ASN A 215 6.09 -11.02 0.60
N PRO A 216 5.67 -11.91 -0.32
CA PRO A 216 4.25 -12.28 -0.42
C PRO A 216 3.67 -12.99 0.80
N LEU A 217 4.45 -13.76 1.56
CA LEU A 217 3.86 -14.38 2.74
C LEU A 217 3.54 -13.36 3.83
N THR A 218 4.12 -12.16 3.75
CA THR A 218 3.60 -11.03 4.51
C THR A 218 2.47 -10.33 3.77
N THR A 219 2.73 -9.91 2.53
CA THR A 219 1.84 -8.92 1.93
C THR A 219 0.57 -9.52 1.34
N MET A 220 0.41 -10.84 1.29
CA MET A 220 -0.85 -11.40 0.85
C MET A 220 -1.68 -11.92 2.00
N ARG A 221 -1.38 -11.46 3.22
CA ARG A 221 -2.32 -11.64 4.31
C ARG A 221 -3.52 -10.73 4.19
N ILE A 222 -3.52 -9.82 3.22
CA ILE A 222 -4.62 -8.90 3.01
C ILE A 222 -4.84 -8.71 1.52
N ALA A 223 -6.04 -8.22 1.20
CA ALA A 223 -6.42 -7.79 -0.14
C ALA A 223 -7.27 -6.53 -0.03
N TRP A 224 -7.35 -5.80 -1.15
CA TRP A 224 -8.15 -4.58 -1.18
C TRP A 224 -9.62 -4.90 -0.93
N MET A 225 -10.12 -5.99 -1.50
CA MET A 225 -11.41 -6.51 -1.10
C MET A 225 -11.17 -7.39 0.13
N SER A 226 -11.25 -8.69 -0.01
CA SER A 226 -10.99 -9.59 1.12
C SER A 226 -10.14 -10.73 0.61
N THR A 227 -9.00 -11.00 1.25
CA THR A 227 -8.09 -11.97 0.65
C THR A 227 -8.74 -13.34 0.44
N ASP A 228 -8.55 -13.91 -0.77
CA ASP A 228 -9.03 -15.27 -1.05
C ASP A 228 -8.14 -16.35 -0.45
N GLN A 229 -6.99 -15.98 0.10
CA GLN A 229 -6.07 -16.85 0.83
C GLN A 229 -5.36 -17.86 -0.06
N LYS A 230 -5.55 -17.80 -1.38
CA LYS A 230 -4.99 -18.81 -2.26
C LYS A 230 -3.61 -18.46 -2.79
N GLY A 231 -3.23 -17.18 -2.80
CA GLY A 231 -1.89 -16.83 -3.27
C GLY A 231 -0.82 -17.45 -2.39
N ILE A 232 -0.98 -17.34 -1.08
CA ILE A 232 -0.02 -17.94 -0.16
C ILE A 232 -0.02 -19.45 -0.31
N GLU A 233 -1.19 -20.05 -0.50
CA GLU A 233 -1.26 -21.49 -0.76
C GLU A 233 -0.45 -21.88 -1.99
N TYR A 234 -0.49 -21.05 -3.04
CA TYR A 234 0.27 -21.37 -4.25
C TYR A 234 1.76 -21.25 -4.02
N PHE A 235 2.20 -20.23 -3.28
CA PHE A 235 3.63 -20.13 -2.98
C PHE A 235 4.11 -21.36 -2.20
N LYS A 236 3.28 -21.83 -1.25
CA LYS A 236 3.62 -23.02 -0.49
C LYS A 236 3.71 -24.25 -1.39
N LYS A 237 2.77 -24.38 -2.34
CA LYS A 237 2.82 -25.50 -3.26
C LYS A 237 4.08 -25.43 -4.11
N PHE A 238 4.45 -24.23 -4.55
CA PHE A 238 5.64 -24.13 -5.38
C PHE A 238 6.86 -24.53 -4.58
N GLN A 239 6.93 -24.09 -3.32
N GLN A 239 6.94 -24.09 -3.32
CA GLN A 239 8.04 -24.50 -2.46
CA GLN A 239 8.04 -24.50 -2.46
C GLN A 239 8.08 -26.02 -2.32
C GLN A 239 8.08 -26.02 -2.32
N ALA A 240 6.91 -26.62 -2.07
CA ALA A 240 6.84 -28.07 -1.82
C ALA A 240 7.21 -28.86 -3.05
N SER A 241 7.12 -28.26 -4.25
CA SER A 241 7.55 -28.92 -5.45
C SER A 241 9.08 -28.99 -5.58
N GLY A 242 9.81 -28.31 -4.70
CA GLY A 242 11.25 -28.36 -4.74
C GLY A 242 11.90 -27.46 -5.74
N LYS A 243 11.14 -26.67 -6.50
CA LYS A 243 11.75 -25.78 -7.48
C LYS A 243 12.29 -24.53 -6.79
N ARG A 244 13.11 -23.79 -7.54
CA ARG A 244 13.94 -22.75 -6.96
C ARG A 244 13.17 -21.47 -6.71
N ILE A 245 13.32 -20.94 -5.50
CA ILE A 245 12.80 -19.64 -5.10
C ILE A 245 13.99 -18.79 -4.68
N ILE A 246 14.12 -17.62 -5.30
CA ILE A 246 15.19 -16.68 -5.01
C ILE A 246 14.58 -15.38 -4.53
N CYS A 247 15.04 -14.89 -3.39
CA CYS A 247 14.55 -13.63 -2.83
C CYS A 247 15.67 -12.60 -2.87
N ILE A 248 15.43 -11.48 -3.53
CA ILE A 248 16.39 -10.39 -3.66
C ILE A 248 15.86 -9.22 -2.86
N ASP A 249 16.54 -8.91 -1.74
CA ASP A 249 15.96 -8.07 -0.70
C ASP A 249 17.06 -7.67 0.28
N PRO A 250 17.06 -6.44 0.80
CA PRO A 250 18.01 -6.12 1.90
C PRO A 250 17.77 -6.90 3.16
N GLN A 251 16.54 -7.38 3.39
CA GLN A 251 16.24 -8.22 4.53
C GLN A 251 15.96 -9.64 4.06
N LYS A 252 16.26 -10.61 4.92
CA LYS A 252 15.81 -11.99 4.76
C LYS A 252 14.41 -12.00 5.33
N SER A 253 13.44 -11.81 4.44
CA SER A 253 12.08 -11.51 4.82
C SER A 253 11.37 -12.73 5.39
N GLU A 254 10.15 -12.49 5.91
CA GLU A 254 9.31 -13.58 6.35
C GLU A 254 9.12 -14.61 5.25
N THR A 255 8.94 -14.15 4.01
CA THR A 255 8.79 -15.08 2.90
C THR A 255 10.02 -15.94 2.73
N CYS A 256 11.19 -15.29 2.74
CA CYS A 256 12.43 -16.03 2.52
C CYS A 256 12.63 -17.08 3.60
N GLN A 257 12.31 -16.72 4.85
CA GLN A 257 12.45 -17.67 5.95
C GLN A 257 11.43 -18.80 5.86
N MET A 258 10.16 -18.47 5.64
CA MET A 258 9.10 -19.47 5.67
C MET A 258 9.12 -20.41 4.47
N LEU A 259 9.65 -19.97 3.33
CA LEU A 259 9.79 -20.82 2.15
C LEU A 259 11.20 -21.36 2.01
N ASN A 260 12.07 -21.06 2.98
CA ASN A 260 13.48 -21.43 2.93
C ASN A 260 14.09 -21.16 1.56
N ALA A 261 13.85 -19.95 1.06
CA ALA A 261 14.31 -19.58 -0.26
C ALA A 261 15.77 -19.18 -0.23
N GLU A 262 16.33 -18.97 -1.42
CA GLU A 262 17.72 -18.53 -1.53
C GLU A 262 17.72 -17.01 -1.39
N TRP A 263 18.39 -16.51 -0.37
CA TRP A 263 18.46 -15.08 -0.12
C TRP A 263 19.65 -14.47 -0.81
N ILE A 264 19.38 -13.47 -1.64
CA ILE A 264 20.40 -12.61 -2.25
C ILE A 264 20.32 -11.26 -1.54
N PRO A 265 21.15 -10.97 -0.54
CA PRO A 265 21.14 -9.64 0.06
C PRO A 265 21.57 -8.58 -0.94
N VAL A 266 20.83 -7.47 -0.97
CA VAL A 266 21.14 -6.36 -1.85
C VAL A 266 20.96 -5.06 -1.05
N ASN A 267 21.78 -4.07 -1.35
CA ASN A 267 21.58 -2.75 -0.72
C ASN A 267 20.25 -2.17 -1.20
N THR A 268 19.45 -1.62 -0.28
CA THR A 268 18.25 -0.91 -0.69
C THR A 268 18.61 0.15 -1.72
N ALA A 269 17.80 0.24 -2.78
CA ALA A 269 17.87 1.23 -3.85
C ALA A 269 19.00 0.96 -4.84
N THR A 270 19.55 -0.26 -4.87
CA THR A 270 20.61 -0.58 -5.82
C THR A 270 20.23 -1.72 -6.77
N ASP A 271 18.93 -1.99 -6.94
CA ASP A 271 18.51 -3.05 -7.83
C ASP A 271 18.78 -2.73 -9.29
N VAL A 272 18.70 -1.47 -9.70
CA VAL A 272 18.99 -1.15 -11.10
C VAL A 272 20.44 -1.52 -11.43
N PRO A 273 21.44 -1.14 -10.65
CA PRO A 273 22.79 -1.68 -10.88
C PRO A 273 22.85 -3.19 -10.94
N LEU A 274 22.20 -3.89 -10.02
CA LEU A 274 22.20 -5.34 -10.07
C LEU A 274 21.62 -5.85 -11.38
N MET A 275 20.47 -5.32 -11.80
CA MET A 275 19.85 -5.75 -13.05
C MET A 275 20.73 -5.44 -14.25
N LEU A 276 21.38 -4.27 -14.25
CA LEU A 276 22.30 -3.93 -15.33
C LEU A 276 23.45 -4.93 -15.41
N GLY A 277 24.00 -5.31 -14.25
CA GLY A 277 25.08 -6.29 -14.26
C GLY A 277 24.65 -7.65 -14.80
N ILE A 278 23.44 -8.08 -14.45
CA ILE A 278 22.87 -9.29 -14.99
C ILE A 278 22.70 -9.15 -16.50
N ALA A 279 22.12 -8.03 -16.93
CA ALA A 279 21.88 -7.80 -18.34
C ALA A 279 23.20 -7.81 -19.11
N HIS A 280 24.21 -7.14 -18.57
CA HIS A 280 25.50 -7.10 -19.24
C HIS A 280 26.08 -8.49 -19.38
N THR A 281 25.95 -9.31 -18.34
CA THR A 281 26.41 -10.70 -18.42
C THR A 281 25.64 -11.47 -19.50
N LEU A 282 24.32 -11.26 -19.61
CA LEU A 282 23.59 -11.94 -20.67
C LEU A 282 24.20 -11.65 -22.03
N VAL A 283 24.49 -10.37 -22.29
CA VAL A 283 25.04 -10.00 -23.60
C VAL A 283 26.41 -10.63 -23.79
N GLU A 284 27.26 -10.53 -22.76
CA GLU A 284 28.63 -11.06 -22.81
C GLU A 284 28.66 -12.56 -23.08
N GLN A 285 27.66 -13.30 -22.60
CA GLN A 285 27.57 -14.75 -22.75
C GLN A 285 26.60 -15.20 -23.83
N GLY A 286 26.06 -14.27 -24.61
CA GLY A 286 25.13 -14.64 -25.67
C GLY A 286 23.87 -15.28 -25.16
N LYS A 287 23.42 -14.89 -23.98
CA LYS A 287 22.25 -15.52 -23.37
C LYS A 287 21.00 -14.66 -23.50
N HIS A 288 21.12 -13.46 -24.04
CA HIS A 288 19.92 -12.66 -24.31
C HIS A 288 19.29 -13.12 -25.63
N ASP A 289 18.02 -12.78 -25.79
CA ASP A 289 17.24 -13.28 -26.93
C ASP A 289 17.14 -12.16 -27.96
N LYS A 290 18.10 -12.15 -28.90
CA LYS A 290 18.15 -11.07 -29.88
C LYS A 290 16.92 -11.07 -30.77
N ASP A 291 16.39 -12.26 -31.09
CA ASP A 291 15.19 -12.35 -31.94
C ASP A 291 13.99 -11.75 -31.24
N PHE A 292 13.81 -12.10 -29.97
CA PHE A 292 12.75 -11.50 -29.17
C PHE A 292 12.90 -9.98 -29.12
N LEU A 293 14.11 -9.49 -28.85
CA LEU A 293 14.28 -8.06 -28.67
C LEU A 293 13.92 -7.30 -29.95
N LYS A 294 14.30 -7.84 -31.11
CA LYS A 294 13.99 -7.16 -32.36
C LYS A 294 12.49 -7.14 -32.65
N LYS A 295 11.81 -8.25 -32.34
CA LYS A 295 10.43 -8.42 -32.75
C LYS A 295 9.45 -7.78 -31.78
N TYR A 296 9.79 -7.71 -30.49
CA TYR A 296 8.81 -7.36 -29.46
C TYR A 296 9.18 -6.12 -28.66
N THR A 297 10.33 -5.49 -28.92
CA THR A 297 10.72 -4.31 -28.18
C THR A 297 11.11 -3.19 -29.14
N SER A 298 11.12 -1.98 -28.59
CA SER A 298 11.55 -0.78 -29.30
C SER A 298 12.68 -0.15 -28.50
N GLY A 299 13.80 0.10 -29.16
CA GLY A 299 14.87 0.85 -28.55
C GLY A 299 15.94 0.04 -27.86
N TYR A 300 15.98 -1.28 -28.04
CA TYR A 300 16.97 -2.08 -27.35
C TYR A 300 18.39 -1.65 -27.73
N ALA A 301 18.62 -1.33 -29.00
CA ALA A 301 20.00 -1.03 -29.42
C ALA A 301 20.52 0.24 -28.75
N LYS A 302 19.68 1.25 -28.58
CA LYS A 302 20.09 2.46 -27.88
C LYS A 302 20.40 2.16 -26.43
N PHE A 303 19.60 1.30 -25.79
CA PHE A 303 19.88 0.90 -24.42
C PHE A 303 21.19 0.12 -24.33
N GLU A 304 21.44 -0.76 -25.30
CA GLU A 304 22.63 -1.58 -25.23
C GLU A 304 23.90 -0.72 -25.27
N GLU A 305 23.86 0.41 -25.97
CA GLU A 305 25.01 1.31 -25.97
C GLU A 305 25.31 1.82 -24.56
N TYR A 306 24.27 2.07 -23.77
CA TYR A 306 24.47 2.46 -22.38
C TYR A 306 25.01 1.28 -21.58
N LEU A 307 24.41 0.11 -21.78
CA LEU A 307 24.81 -1.08 -21.05
C LEU A 307 26.27 -1.42 -21.29
N LEU A 308 26.75 -1.20 -22.51
CA LEU A 308 28.12 -1.55 -22.86
C LEU A 308 29.10 -0.40 -22.68
N GLY A 309 28.68 0.74 -22.18
CA GLY A 309 29.60 1.81 -21.91
C GLY A 309 30.03 2.61 -23.13
N LYS A 310 29.41 2.38 -24.28
CA LYS A 310 29.79 3.10 -25.49
C LYS A 310 29.47 4.58 -25.35
N THR A 311 28.45 4.91 -24.57
CA THR A 311 28.06 6.30 -24.38
C THR A 311 28.95 6.99 -23.37
N ASP A 312 29.10 6.40 -22.19
CA ASP A 312 29.66 7.09 -21.03
C ASP A 312 31.01 6.55 -20.59
N GLY A 313 31.62 5.64 -21.34
CA GLY A 313 32.89 5.09 -20.97
C GLY A 313 32.87 3.98 -19.93
N GLN A 314 31.70 3.65 -19.37
CA GLN A 314 31.63 2.70 -18.27
C GLN A 314 30.74 1.50 -18.59
N PRO A 315 31.29 0.38 -19.03
CA PRO A 315 30.48 -0.84 -19.17
C PRO A 315 29.84 -1.23 -17.85
N LYS A 316 28.56 -1.62 -17.90
CA LYS A 316 27.81 -1.94 -16.69
C LYS A 316 27.99 -3.42 -16.33
N THR A 317 29.24 -3.79 -16.07
CA THR A 317 29.62 -5.17 -15.84
C THR A 317 29.14 -5.66 -14.49
N ALA A 318 29.16 -6.99 -14.33
CA ALA A 318 28.91 -7.57 -13.02
C ALA A 318 29.85 -7.01 -11.97
N GLU A 319 31.11 -6.77 -12.33
CA GLU A 319 32.06 -6.20 -11.37
C GLU A 319 31.71 -4.77 -10.99
N TRP A 320 31.31 -3.95 -11.97
CA TRP A 320 30.86 -2.59 -11.68
C TRP A 320 29.64 -2.62 -10.77
N ALA A 321 28.72 -3.55 -11.04
CA ALA A 321 27.48 -3.62 -10.26
C ALA A 321 27.75 -4.11 -8.84
N ALA A 322 28.66 -5.07 -8.68
CA ALA A 322 28.91 -5.66 -7.36
C ALA A 322 29.32 -4.60 -6.33
N LYS A 323 30.07 -3.59 -6.77
CA LYS A 323 30.55 -2.54 -5.87
C LYS A 323 29.41 -1.68 -5.35
N ILE A 324 28.34 -1.55 -6.13
CA ILE A 324 27.23 -0.69 -5.76
C ILE A 324 26.17 -1.46 -4.98
N CYS A 325 25.82 -2.66 -5.44
CA CYS A 325 24.66 -3.35 -4.87
C CYS A 325 25.01 -4.32 -3.76
N GLY A 326 26.28 -4.68 -3.58
CA GLY A 326 26.66 -5.58 -2.55
C GLY A 326 26.54 -7.05 -2.90
N VAL A 327 26.17 -7.39 -4.12
CA VAL A 327 26.10 -8.78 -4.56
C VAL A 327 27.41 -9.13 -5.24
N PRO A 328 28.10 -10.20 -4.82
CA PRO A 328 29.38 -10.54 -5.47
C PRO A 328 29.23 -10.74 -6.98
N ALA A 329 30.27 -10.33 -7.71
CA ALA A 329 30.20 -10.42 -9.17
C ALA A 329 29.90 -11.84 -9.65
N GLU A 330 30.51 -12.85 -9.04
CA GLU A 330 30.28 -14.21 -9.54
C GLU A 330 28.84 -14.65 -9.28
N THR A 331 28.20 -14.12 -8.24
CA THR A 331 26.79 -14.42 -7.98
C THR A 331 25.89 -13.73 -9.01
N ILE A 332 26.20 -12.48 -9.34
CA ILE A 332 25.50 -11.77 -10.42
C ILE A 332 25.57 -12.57 -11.71
N LYS A 333 26.77 -13.03 -12.07
CA LYS A 333 26.90 -13.79 -13.31
C LYS A 333 26.13 -15.10 -13.23
N GLN A 334 26.09 -15.72 -12.06
CA GLN A 334 25.39 -17.00 -11.94
C GLN A 334 23.88 -16.82 -11.99
N LEU A 335 23.35 -15.72 -11.43
CA LEU A 335 21.94 -15.41 -11.60
C LEU A 335 21.61 -15.27 -13.07
N ALA A 336 22.42 -14.51 -13.81
CA ALA A 336 22.14 -14.30 -15.22
C ALA A 336 22.09 -15.63 -15.96
N ALA A 337 23.07 -16.50 -15.72
CA ALA A 337 23.11 -17.78 -16.43
C ALA A 337 21.90 -18.62 -16.09
N ASP A 338 21.50 -18.63 -14.83
CA ASP A 338 20.39 -19.45 -14.40
C ASP A 338 19.06 -18.90 -14.93
N PHE A 339 18.89 -17.58 -14.89
CA PHE A 339 17.64 -17.01 -15.40
C PHE A 339 17.43 -17.37 -16.87
N ALA A 340 18.52 -17.37 -17.64
CA ALA A 340 18.43 -17.63 -19.08
C ALA A 340 18.36 -19.13 -19.39
N SER A 341 18.91 -19.96 -18.54
CA SER A 341 18.96 -21.38 -18.80
C SER A 341 17.68 -22.09 -18.46
N LYS A 342 16.89 -21.53 -17.55
CA LYS A 342 15.70 -22.14 -17.01
C LYS A 342 14.52 -21.24 -17.31
N ARG A 343 13.32 -21.81 -17.28
CA ARG A 343 12.09 -21.02 -17.39
C ARG A 343 11.89 -20.26 -16.08
N THR A 344 11.96 -18.92 -16.16
CA THR A 344 12.06 -18.05 -15.00
C THR A 344 10.95 -17.00 -15.00
N MET A 345 10.29 -16.86 -13.86
CA MET A 345 9.31 -15.78 -13.64
C MET A 345 9.90 -14.77 -12.67
N LEU A 346 10.05 -13.53 -13.14
CA LEU A 346 10.53 -12.43 -12.31
C LEU A 346 9.33 -11.75 -11.63
N MET A 347 9.17 -11.95 -10.33
CA MET A 347 8.07 -11.37 -9.57
C MET A 347 8.53 -10.11 -8.85
N GLY A 348 8.17 -8.96 -9.41
CA GLY A 348 8.60 -7.70 -8.86
C GLY A 348 7.60 -7.14 -7.87
N GLY A 349 8.00 -7.02 -6.61
CA GLY A 349 7.26 -6.27 -5.62
C GLY A 349 7.53 -4.78 -5.71
N TRP A 350 6.96 -4.04 -4.75
CA TRP A 350 6.87 -2.61 -4.92
C TRP A 350 7.73 -1.78 -3.98
N GLY A 351 8.36 -2.39 -2.97
CA GLY A 351 9.18 -1.61 -2.05
C GLY A 351 10.28 -0.87 -2.78
N MET A 352 10.84 -1.52 -3.83
CA MET A 352 11.96 -0.92 -4.54
C MET A 352 11.57 0.23 -5.46
N GLN A 353 10.28 0.48 -5.72
CA GLN A 353 9.93 1.68 -6.46
C GLN A 353 9.38 2.76 -5.54
N ARG A 354 9.34 2.49 -4.24
CA ARG A 354 8.87 3.45 -3.23
C ARG A 354 10.09 4.19 -2.66
N GLN A 355 10.76 4.89 -3.57
CA GLN A 355 12.09 5.45 -3.31
C GLN A 355 12.49 6.34 -4.47
N ARG A 356 13.51 7.17 -4.24
CA ARG A 356 13.99 8.07 -5.27
C ARG A 356 14.33 7.29 -6.55
N HIS A 357 13.95 7.85 -7.69
CA HIS A 357 14.14 7.23 -9.01
C HIS A 357 13.41 5.88 -9.11
N GLY A 358 12.32 5.73 -8.36
CA GLY A 358 11.62 4.46 -8.32
C GLY A 358 11.10 3.98 -9.67
N GLU A 359 10.83 4.90 -10.59
CA GLU A 359 10.39 4.54 -11.93
C GLU A 359 11.37 3.60 -12.63
N GLN A 360 12.64 3.73 -12.30
CA GLN A 360 13.66 2.99 -13.01
C GLN A 360 13.62 1.50 -12.70
N THR A 361 13.13 1.10 -11.53
CA THR A 361 13.28 -0.29 -11.10
C THR A 361 12.41 -1.25 -11.91
N HIS A 362 11.12 -0.97 -12.05
CA HIS A 362 10.30 -1.89 -12.83
C HIS A 362 10.49 -1.68 -14.32
N TRP A 363 10.91 -0.50 -14.75
CA TRP A 363 11.30 -0.31 -16.15
C TRP A 363 12.46 -1.25 -16.48
N MET A 364 13.48 -1.25 -15.64
CA MET A 364 14.62 -2.12 -15.86
C MET A 364 14.25 -3.60 -15.66
N LEU A 365 13.33 -3.92 -14.75
CA LEU A 365 12.91 -5.31 -14.60
C LEU A 365 12.25 -5.82 -15.88
N VAL A 366 11.38 -5.00 -16.48
CA VAL A 366 10.74 -5.37 -17.75
C VAL A 366 11.77 -5.48 -18.87
N THR A 367 12.77 -4.60 -18.85
CA THR A 367 13.86 -4.66 -19.83
C THR A 367 14.66 -5.96 -19.66
N LEU A 368 14.99 -6.31 -18.41
CA LEU A 368 15.67 -7.58 -18.17
C LEU A 368 14.84 -8.77 -18.65
N ALA A 369 13.54 -8.79 -18.32
CA ALA A 369 12.66 -9.85 -18.77
C ALA A 369 12.61 -9.92 -20.29
N SER A 370 12.66 -8.76 -20.95
CA SER A 370 12.67 -8.73 -22.42
C SER A 370 13.95 -9.36 -22.95
N MET A 371 15.08 -9.05 -22.33
CA MET A 371 16.34 -9.65 -22.78
C MET A 371 16.37 -11.17 -22.57
N LEU A 372 15.72 -11.67 -21.52
CA LEU A 372 15.62 -13.10 -21.31
C LEU A 372 14.68 -13.75 -22.33
N GLY A 373 13.67 -13.02 -22.78
CA GLY A 373 12.89 -13.46 -23.92
C GLY A 373 11.78 -14.45 -23.65
N GLN A 374 11.34 -14.58 -22.39
CA GLN A 374 10.36 -15.59 -22.01
C GLN A 374 8.98 -14.99 -21.76
N ILE A 375 8.82 -13.70 -22.04
CA ILE A 375 7.52 -13.03 -21.88
C ILE A 375 6.51 -13.69 -22.80
N GLY A 376 5.32 -14.00 -22.27
CA GLY A 376 4.29 -14.65 -23.04
C GLY A 376 4.38 -16.16 -23.14
N LEU A 377 5.37 -16.78 -22.48
CA LEU A 377 5.48 -18.22 -22.42
C LEU A 377 4.95 -18.75 -21.09
N PRO A 378 4.41 -19.97 -21.05
CA PRO A 378 4.01 -20.56 -19.77
C PRO A 378 5.14 -20.49 -18.76
N GLY A 379 4.82 -20.00 -17.57
CA GLY A 379 5.78 -19.93 -16.49
C GLY A 379 6.86 -18.89 -16.63
N GLY A 380 6.81 -18.04 -17.67
CA GLY A 380 7.94 -17.16 -17.92
C GLY A 380 7.64 -15.67 -17.96
N GLY A 381 8.69 -14.87 -17.87
CA GLY A 381 8.55 -13.44 -18.06
C GLY A 381 8.59 -12.70 -16.74
N PHE A 382 7.60 -11.85 -16.51
CA PHE A 382 7.55 -11.05 -15.29
C PHE A 382 6.10 -10.89 -14.85
N GLY A 383 5.94 -10.53 -13.59
CA GLY A 383 4.65 -10.20 -13.06
C GLY A 383 4.83 -9.20 -11.93
N LEU A 384 3.97 -8.18 -11.89
CA LEU A 384 4.11 -7.11 -10.92
C LEU A 384 3.00 -7.12 -9.87
N SER A 385 2.25 -8.22 -9.76
CA SER A 385 1.26 -8.35 -8.71
C SER A 385 1.17 -9.77 -8.15
N TYR A 386 2.24 -10.58 -8.24
CA TYR A 386 2.22 -11.88 -7.56
C TYR A 386 2.35 -11.75 -6.05
N HIS A 387 2.77 -10.59 -5.58
CA HIS A 387 2.93 -10.36 -4.14
C HIS A 387 1.76 -9.60 -3.53
N TYR A 388 0.81 -9.16 -4.35
CA TYR A 388 -0.24 -8.26 -3.93
C TYR A 388 -1.58 -8.91 -4.21
N SER A 389 -2.35 -9.11 -3.14
CA SER A 389 -3.77 -9.47 -3.27
C SER A 389 -4.02 -10.65 -4.20
N ASN A 390 -3.13 -11.65 -4.12
CA ASN A 390 -3.36 -12.96 -4.74
C ASN A 390 -3.39 -12.88 -6.27
N GLY A 391 -2.53 -12.03 -6.82
CA GLY A 391 -2.36 -12.01 -8.26
C GLY A 391 -1.95 -13.38 -8.78
N GLY A 392 -2.55 -13.78 -9.91
CA GLY A 392 -2.27 -15.04 -10.51
C GLY A 392 -3.19 -16.17 -10.13
N VAL A 393 -3.95 -16.03 -9.04
CA VAL A 393 -4.92 -17.07 -8.73
C VAL A 393 -5.95 -17.08 -9.85
N PRO A 394 -6.23 -18.22 -10.46
CA PRO A 394 -7.05 -18.20 -11.68
C PRO A 394 -8.41 -17.52 -11.47
N THR A 395 -8.79 -16.71 -12.45
CA THR A 395 -10.05 -15.98 -12.41
C THR A 395 -11.24 -16.94 -12.49
N ALA A 396 -12.16 -16.82 -11.54
CA ALA A 396 -13.32 -17.70 -11.52
C ALA A 396 -14.37 -17.21 -12.51
N THR A 397 -15.26 -18.13 -12.87
CA THR A 397 -16.43 -17.80 -13.68
C THR A 397 -17.62 -17.55 -12.77
N GLY A 398 -18.09 -16.33 -12.77
CA GLY A 398 -19.21 -15.98 -11.93
C GLY A 398 -19.67 -14.58 -12.22
N GLY A 399 -19.84 -13.78 -11.18
CA GLY A 399 -20.18 -12.38 -11.34
C GLY A 399 -19.51 -11.59 -10.25
N ILE A 400 -19.43 -10.28 -10.46
CA ILE A 400 -18.77 -9.36 -9.53
C ILE A 400 -19.82 -8.39 -9.00
N ILE A 401 -19.86 -8.25 -7.68
CA ILE A 401 -20.82 -7.35 -7.06
C ILE A 401 -20.49 -5.89 -7.37
N GLY A 402 -21.53 -5.06 -7.32
CA GLY A 402 -21.35 -3.62 -7.44
C GLY A 402 -20.86 -3.00 -6.15
N SER A 403 -20.63 -1.70 -6.20
CA SER A 403 -20.16 -0.92 -5.05
C SER A 403 -20.66 0.52 -5.15
N ILE A 404 -20.71 1.18 -4.00
CA ILE A 404 -21.14 2.58 -3.99
C ILE A 404 -20.11 3.43 -4.72
N THR A 405 -20.58 4.49 -5.37
CA THR A 405 -19.68 5.40 -6.07
C THR A 405 -19.72 6.80 -5.45
N ALA A 406 -18.74 7.60 -5.84
CA ALA A 406 -18.69 8.98 -5.34
C ALA A 406 -19.55 9.93 -6.15
N SER A 407 -20.30 9.42 -7.13
CA SER A 407 -21.07 10.29 -8.02
C SER A 407 -22.55 10.09 -7.81
N PRO A 408 -23.21 10.97 -7.02
CA PRO A 408 -24.67 10.94 -6.90
C PRO A 408 -25.35 11.34 -8.22
N SER A 422 -9.91 17.20 -12.63
CA SER A 422 -9.70 18.51 -12.01
C SER A 422 -8.27 18.98 -12.25
N LYS A 423 -8.12 20.27 -12.56
CA LYS A 423 -6.80 20.87 -12.68
C LYS A 423 -6.11 21.06 -11.34
N SER A 424 -6.86 20.96 -10.23
CA SER A 424 -6.31 21.17 -8.90
C SER A 424 -5.74 19.89 -8.32
N ALA A 425 -5.98 18.73 -8.94
CA ALA A 425 -5.52 17.46 -8.40
C ALA A 425 -4.02 17.27 -8.63
N PHE A 426 -3.35 16.73 -7.64
CA PHE A 426 -1.90 16.61 -7.62
C PHE A 426 -1.48 15.21 -7.23
N PRO A 427 -0.26 14.78 -7.60
CA PRO A 427 0.26 13.50 -7.10
C PRO A 427 0.19 13.48 -5.58
N LEU A 428 -0.42 12.45 -5.02
CA LEU A 428 -0.97 12.62 -3.68
C LEU A 428 0.10 12.76 -2.60
N ALA A 429 1.30 12.23 -2.80
CA ALA A 429 2.32 12.40 -1.77
C ALA A 429 2.93 13.81 -1.75
N ARG A 430 2.43 14.73 -2.57
CA ARG A 430 2.73 16.15 -2.41
C ARG A 430 1.82 16.84 -1.38
N ILE A 431 1.00 16.09 -0.63
CA ILE A 431 -0.01 16.70 0.24
C ILE A 431 0.59 17.74 1.21
N ALA A 432 1.67 17.41 1.89
CA ALA A 432 2.27 18.38 2.82
C ALA A 432 2.72 19.64 2.09
N ASP A 433 3.43 19.46 0.97
CA ASP A 433 3.86 20.55 0.12
C ASP A 433 2.69 21.42 -0.31
N VAL A 434 1.55 20.79 -0.66
CA VAL A 434 0.38 21.54 -1.10
C VAL A 434 -0.20 22.36 0.04
N LEU A 435 -0.38 21.73 1.20
CA LEU A 435 -1.00 22.45 2.30
C LEU A 435 -0.16 23.64 2.72
N LEU A 436 1.17 23.51 2.63
CA LEU A 436 2.06 24.59 3.05
C LEU A 436 2.24 25.67 1.98
N HIS A 437 2.17 25.31 0.69
CA HIS A 437 2.67 26.17 -0.39
C HIS A 437 1.68 26.32 -1.53
N PRO A 438 0.56 26.98 -1.29
CA PRO A 438 -0.38 27.20 -2.39
C PRO A 438 0.25 27.99 -3.52
N GLY A 439 -0.11 27.62 -4.75
CA GLY A 439 0.40 28.29 -5.94
C GLY A 439 1.70 27.74 -6.48
N LYS A 440 2.42 26.94 -5.71
CA LYS A 440 3.66 26.34 -6.17
C LYS A 440 3.38 25.48 -7.38
N LYS A 441 4.32 25.46 -8.33
CA LYS A 441 4.18 24.65 -9.53
C LYS A 441 5.22 23.54 -9.52
N ILE A 442 4.82 22.36 -10.01
CA ILE A 442 5.73 21.23 -10.17
C ILE A 442 5.50 20.61 -11.53
N GLN A 443 6.50 19.84 -11.98
CA GLN A 443 6.40 19.06 -13.20
C GLN A 443 5.89 17.67 -12.86
N TYR A 444 5.06 17.10 -13.75
CA TYR A 444 4.47 15.78 -13.51
C TYR A 444 4.12 15.16 -14.86
N ASN A 445 4.83 14.08 -15.21
CA ASN A 445 4.51 13.26 -16.36
C ASN A 445 4.27 14.10 -17.62
N GLY A 446 5.14 15.08 -17.84
CA GLY A 446 5.07 15.89 -19.04
C GLY A 446 4.14 17.08 -18.97
N THR A 447 3.52 17.31 -17.83
CA THR A 447 2.64 18.47 -17.64
C THR A 447 3.12 19.29 -16.45
N GLU A 448 2.53 20.47 -16.25
CA GLU A 448 2.83 21.29 -15.09
C GLU A 448 1.58 21.38 -14.23
N ILE A 449 1.73 21.19 -12.93
CA ILE A 449 0.63 21.23 -11.98
C ILE A 449 0.81 22.41 -11.04
N THR A 450 -0.27 23.13 -10.77
CA THR A 450 -0.28 24.26 -9.85
C THR A 450 -1.04 23.87 -8.59
N TYR A 451 -0.39 23.98 -7.43
CA TYR A 451 -1.01 23.58 -6.19
C TYR A 451 -2.21 24.47 -5.86
N PRO A 452 -3.31 23.89 -5.39
CA PRO A 452 -4.46 24.69 -4.95
C PRO A 452 -4.23 25.27 -3.56
N ASP A 453 -5.19 26.09 -3.12
CA ASP A 453 -5.11 26.80 -1.84
C ASP A 453 -6.16 26.21 -0.89
N ILE A 454 -5.72 25.32 0.02
CA ILE A 454 -6.62 24.46 0.77
C ILE A 454 -6.91 25.09 2.12
N LYS A 455 -8.20 25.25 2.44
CA LYS A 455 -8.67 25.79 3.70
C LYS A 455 -9.31 24.76 4.62
N ALA A 456 -9.76 23.64 4.08
CA ALA A 456 -10.41 22.60 4.87
C ALA A 456 -9.89 21.24 4.43
N VAL A 457 -9.65 20.37 5.39
CA VAL A 457 -9.21 19.00 5.14
C VAL A 457 -10.18 18.07 5.84
N TYR A 458 -10.68 17.08 5.12
CA TYR A 458 -11.53 16.04 5.68
C TYR A 458 -10.90 14.69 5.34
N TRP A 459 -10.59 13.89 6.36
CA TRP A 459 -10.06 12.54 6.19
C TRP A 459 -11.05 11.55 6.79
N ALA A 460 -11.32 10.47 6.06
CA ALA A 460 -12.19 9.41 6.56
C ALA A 460 -11.73 8.08 6.00
N GLY A 461 -10.87 7.40 6.75
CA GLY A 461 -10.43 6.10 6.38
C GLY A 461 -8.96 5.99 6.05
N GLY A 462 -8.14 6.92 6.54
CA GLY A 462 -6.71 6.85 6.33
C GLY A 462 -6.01 7.55 7.49
N ASN A 463 -4.69 7.35 7.55
CA ASN A 463 -3.88 7.74 8.71
C ASN A 463 -2.61 8.42 8.22
N PRO A 464 -2.73 9.63 7.65
CA PRO A 464 -1.56 10.30 7.07
C PRO A 464 -0.46 10.60 8.07
N PHE A 465 -0.80 10.75 9.36
CA PHE A 465 0.26 10.97 10.34
C PHE A 465 1.02 9.71 10.68
N VAL A 466 0.68 8.59 10.06
CA VAL A 466 1.53 7.42 10.02
C VAL A 466 2.06 7.14 8.61
N HIS A 467 1.24 7.37 7.56
CA HIS A 467 1.59 6.90 6.22
C HIS A 467 2.42 7.87 5.40
N HIS A 468 2.42 9.15 5.73
CA HIS A 468 3.07 10.15 4.91
C HIS A 468 4.49 10.42 5.41
N GLN A 469 5.39 10.70 4.47
CA GLN A 469 6.80 10.82 4.80
C GLN A 469 7.09 12.16 5.50
N ASP A 470 8.06 12.12 6.42
CA ASP A 470 8.53 13.30 7.18
C ASP A 470 7.39 13.88 8.03
N THR A 471 7.01 13.07 9.02
CA THR A 471 5.90 13.41 9.90
C THR A 471 6.03 14.79 10.53
N ASN A 472 7.24 15.19 10.93
CA ASN A 472 7.36 16.48 11.60
C ASN A 472 7.01 17.62 10.67
N THR A 473 7.30 17.50 9.37
CA THR A 473 6.88 18.51 8.42
C THR A 473 5.37 18.45 8.18
N LEU A 474 4.78 17.26 8.19
CA LEU A 474 3.32 17.16 8.06
C LEU A 474 2.60 17.84 9.22
N VAL A 475 3.20 17.82 10.41
CA VAL A 475 2.61 18.56 11.53
C VAL A 475 2.46 20.04 11.18
N LYS A 476 3.50 20.63 10.60
CA LYS A 476 3.41 22.03 10.19
C LYS A 476 2.37 22.24 9.11
N ALA A 477 2.31 21.32 8.14
CA ALA A 477 1.34 21.43 7.06
C ALA A 477 -0.08 21.44 7.59
N PHE A 478 -0.35 20.63 8.60
CA PHE A 478 -1.71 20.56 9.14
C PHE A 478 -2.05 21.74 10.02
N GLN A 479 -1.12 22.64 10.26
CA GLN A 479 -1.46 23.93 10.89
C GLN A 479 -2.03 24.93 9.91
N LYS A 480 -1.99 24.66 8.62
CA LYS A 480 -2.38 25.66 7.64
C LYS A 480 -3.89 25.73 7.43
N PRO A 481 -4.62 24.62 7.42
CA PRO A 481 -6.06 24.72 7.15
C PRO A 481 -6.81 25.44 8.26
N ASP A 482 -7.95 26.05 7.87
CA ASP A 482 -8.86 26.62 8.83
C ASP A 482 -9.57 25.54 9.65
N VAL A 483 -9.93 24.41 9.04
CA VAL A 483 -10.65 23.35 9.72
C VAL A 483 -10.13 21.99 9.23
N VAL A 484 -9.95 21.05 10.17
CA VAL A 484 -9.50 19.70 9.90
C VAL A 484 -10.49 18.76 10.57
N ILE A 485 -11.15 17.92 9.78
CA ILE A 485 -12.18 17.00 10.28
C ILE A 485 -11.72 15.57 9.98
N VAL A 486 -11.92 14.67 10.95
CA VAL A 486 -11.58 13.26 10.80
C VAL A 486 -12.73 12.40 11.30
N ASN A 487 -13.17 11.44 10.46
CA ASN A 487 -13.98 10.32 10.89
C ASN A 487 -13.00 9.18 11.21
N GLU A 488 -13.04 8.65 12.44
CA GLU A 488 -12.13 7.58 12.81
C GLU A 488 -12.80 6.59 13.73
N VAL A 489 -12.38 5.32 13.59
CA VAL A 489 -12.72 4.28 14.56
C VAL A 489 -11.97 4.50 15.86
N ASN A 490 -10.69 4.87 15.74
CA ASN A 490 -9.76 4.90 16.86
C ASN A 490 -9.03 6.23 16.94
N TRP A 491 -8.46 6.48 18.12
CA TRP A 491 -7.69 7.71 18.35
C TRP A 491 -6.28 7.56 17.77
N THR A 492 -6.23 7.58 16.44
CA THR A 492 -4.99 7.50 15.71
C THR A 492 -4.23 8.81 15.81
N PRO A 493 -2.95 8.81 15.43
CA PRO A 493 -2.20 10.07 15.35
C PRO A 493 -2.86 11.14 14.47
N THR A 494 -3.58 10.73 13.42
CA THR A 494 -4.27 11.69 12.57
C THR A 494 -5.46 12.30 13.31
N ALA A 495 -6.29 11.46 13.95
CA ALA A 495 -7.38 11.98 14.77
C ALA A 495 -6.85 12.98 15.79
N ARG A 496 -5.72 12.67 16.41
CA ARG A 496 -5.17 13.53 17.44
C ARG A 496 -4.71 14.88 16.91
N MET A 497 -4.57 15.02 15.60
CA MET A 497 -4.17 16.28 14.98
C MET A 497 -5.34 17.09 14.43
N ALA A 498 -6.56 16.64 14.61
CA ALA A 498 -7.72 17.26 13.98
C ALA A 498 -8.33 18.35 14.88
N ASP A 499 -9.32 19.05 14.32
CA ASP A 499 -10.17 19.94 15.10
C ASP A 499 -11.42 19.25 15.60
N ILE A 500 -11.99 18.41 14.76
CA ILE A 500 -13.25 17.71 15.00
C ILE A 500 -13.03 16.25 14.66
N VAL A 501 -13.36 15.36 15.61
CA VAL A 501 -13.22 13.92 15.42
C VAL A 501 -14.57 13.28 15.64
N LEU A 502 -15.04 12.57 14.63
CA LEU A 502 -16.34 11.91 14.66
C LEU A 502 -16.15 10.40 14.74
N PRO A 503 -16.76 9.73 15.72
CA PRO A 503 -16.50 8.31 15.89
C PRO A 503 -17.24 7.49 14.85
N ALA A 504 -16.47 6.64 14.15
CA ALA A 504 -16.99 5.73 13.14
C ALA A 504 -17.03 4.31 13.67
N THR A 505 -17.96 3.52 13.13
CA THR A 505 -18.04 2.11 13.48
C THR A 505 -16.99 1.28 12.75
N THR A 506 -16.72 0.08 13.29
CA THR A 506 -16.05 -0.98 12.54
C THR A 506 -17.03 -1.69 11.59
N SER A 507 -16.48 -2.53 10.71
CA SER A 507 -17.30 -3.39 9.87
C SER A 507 -18.23 -4.28 10.68
N TYR A 508 -17.84 -4.65 11.88
CA TYR A 508 -18.60 -5.62 12.66
C TYR A 508 -19.88 -5.04 13.23
N GLU A 509 -20.10 -3.73 13.10
CA GLU A 509 -21.27 -3.06 13.65
C GLU A 509 -22.29 -2.69 12.57
N ARG A 510 -22.12 -3.22 11.36
CA ARG A 510 -22.99 -2.90 10.21
C ARG A 510 -23.02 -4.09 9.26
N ASN A 511 -23.84 -3.98 8.20
CA ASN A 511 -24.02 -5.04 7.21
C ASN A 511 -23.42 -4.61 5.87
N ASP A 512 -22.79 -5.55 5.17
CA ASP A 512 -22.10 -5.21 3.92
C ASP A 512 -21.83 -6.49 3.12
N LEU A 513 -21.18 -6.29 1.97
CA LEU A 513 -20.77 -7.36 1.07
C LEU A 513 -19.38 -7.07 0.57
N THR A 514 -18.60 -8.11 0.28
CA THR A 514 -17.32 -7.98 -0.40
C THR A 514 -17.08 -9.24 -1.22
N MET A 515 -15.93 -9.27 -1.90
CA MET A 515 -15.54 -10.40 -2.72
C MET A 515 -14.22 -10.97 -2.23
N ALA A 516 -14.04 -12.26 -2.47
CA ALA A 516 -12.74 -12.89 -2.35
C ALA A 516 -11.87 -12.44 -3.51
N GLY A 517 -10.73 -11.83 -3.19
CA GLY A 517 -10.01 -11.11 -4.21
C GLY A 517 -8.51 -11.08 -4.02
N ASP A 518 -7.81 -10.29 -4.85
CA ASP A 518 -8.42 -9.29 -5.72
C ASP A 518 -8.54 -9.66 -7.19
N TYR A 519 -8.10 -10.85 -7.57
CA TYR A 519 -8.15 -11.21 -8.98
C TYR A 519 -9.01 -12.43 -9.26
N SER A 520 -9.04 -13.39 -8.34
CA SER A 520 -9.81 -14.61 -8.58
C SER A 520 -11.29 -14.31 -8.66
N MET A 521 -11.75 -13.35 -7.87
CA MET A 521 -13.17 -13.09 -7.71
C MET A 521 -13.92 -14.38 -7.41
N MET A 522 -13.35 -15.23 -6.56
CA MET A 522 -13.84 -16.60 -6.46
C MET A 522 -14.99 -16.79 -5.47
N SER A 523 -15.35 -15.75 -4.71
CA SER A 523 -16.48 -15.86 -3.80
C SER A 523 -17.10 -14.50 -3.55
N VAL A 524 -18.39 -14.51 -3.22
CA VAL A 524 -19.08 -13.38 -2.60
C VAL A 524 -19.10 -13.64 -1.11
N TYR A 525 -18.54 -12.71 -0.35
CA TYR A 525 -18.46 -12.83 1.10
C TYR A 525 -19.50 -11.94 1.77
N PRO A 526 -20.40 -12.49 2.58
CA PRO A 526 -21.29 -11.65 3.36
C PRO A 526 -20.53 -11.00 4.50
N MET A 527 -20.94 -9.77 4.85
CA MET A 527 -20.40 -9.08 6.02
C MET A 527 -21.56 -8.75 6.95
N LYS A 528 -22.05 -9.74 7.66
CA LYS A 528 -23.25 -9.58 8.46
C LYS A 528 -22.92 -8.89 9.78
N GLN A 529 -23.78 -7.99 10.22
CA GLN A 529 -23.55 -7.28 11.47
C GLN A 529 -23.43 -8.26 12.62
N VAL A 530 -22.42 -8.07 13.46
CA VAL A 530 -22.17 -8.95 14.57
C VAL A 530 -22.79 -8.40 15.85
N VAL A 531 -22.59 -7.11 16.09
CA VAL A 531 -23.11 -6.42 17.27
C VAL A 531 -23.61 -5.05 16.86
N PRO A 532 -24.43 -4.42 17.69
CA PRO A 532 -24.86 -3.03 17.40
C PRO A 532 -23.68 -2.06 17.50
N PRO A 533 -23.79 -0.87 16.91
CA PRO A 533 -22.77 0.16 17.12
C PRO A 533 -22.44 0.37 18.58
N GLN A 534 -21.15 0.43 18.86
CA GLN A 534 -20.61 0.60 20.20
C GLN A 534 -20.47 2.07 20.54
N PHE A 535 -20.49 2.35 21.85
CA PHE A 535 -20.34 3.72 22.31
C PHE A 535 -21.32 4.60 21.55
N GLU A 536 -20.88 5.77 21.09
CA GLU A 536 -21.73 6.63 20.26
C GLU A 536 -21.30 6.62 18.80
N ALA A 537 -20.62 5.57 18.37
CA ALA A 537 -20.12 5.49 17.01
C ALA A 537 -21.25 5.40 16.00
N LYS A 538 -21.03 5.97 14.82
CA LYS A 538 -21.95 5.86 13.71
C LYS A 538 -21.23 5.32 12.48
N ASN A 539 -21.95 4.59 11.65
CA ASN A 539 -21.44 4.30 10.32
C ASN A 539 -21.12 5.61 9.59
N ASP A 540 -20.03 5.63 8.82
CA ASP A 540 -19.74 6.80 8.02
C ASP A 540 -20.92 7.17 7.12
N TYR A 541 -21.61 6.15 6.60
CA TYR A 541 -22.79 6.37 5.77
C TYR A 541 -23.80 7.25 6.50
N ASP A 542 -24.06 6.94 7.77
CA ASP A 542 -25.00 7.72 8.56
C ASP A 542 -24.47 9.12 8.87
N ILE A 543 -23.17 9.25 9.13
CA ILE A 543 -22.60 10.57 9.32
C ILE A 543 -22.87 11.45 8.11
N PHE A 544 -22.61 10.91 6.92
CA PHE A 544 -22.72 11.72 5.71
C PHE A 544 -24.17 11.93 5.31
N VAL A 545 -25.06 11.00 5.67
CA VAL A 545 -26.49 11.27 5.50
C VAL A 545 -26.91 12.50 6.31
N GLU A 546 -26.46 12.58 7.57
CA GLU A 546 -26.79 13.73 8.38
C GLU A 546 -26.18 15.03 7.82
N LEU A 547 -24.94 14.98 7.33
CA LEU A 547 -24.39 16.18 6.71
C LEU A 547 -25.13 16.52 5.42
N ALA A 548 -25.49 15.50 4.63
CA ALA A 548 -26.22 15.74 3.38
C ALA A 548 -27.57 16.41 3.66
N LYS A 549 -28.25 15.96 4.71
CA LYS A 549 -29.53 16.55 5.08
C LYS A 549 -29.37 18.02 5.44
N ARG A 550 -28.32 18.35 6.19
CA ARG A 550 -28.10 19.75 6.53
C ARG A 550 -27.81 20.59 5.29
N ALA A 551 -27.28 19.98 4.23
CA ALA A 551 -27.01 20.69 2.99
C ALA A 551 -28.14 20.59 1.98
N GLY A 552 -29.22 19.90 2.33
CA GLY A 552 -30.37 19.79 1.44
C GLY A 552 -30.25 18.77 0.33
N VAL A 553 -29.31 17.81 0.44
CA VAL A 553 -29.08 16.85 -0.64
C VAL A 553 -29.14 15.41 -0.15
N GLU A 554 -29.93 15.14 0.88
CA GLU A 554 -30.04 13.77 1.38
C GLU A 554 -30.59 12.83 0.31
N GLU A 555 -31.62 13.25 -0.43
CA GLU A 555 -32.22 12.32 -1.37
C GLU A 555 -31.24 11.91 -2.46
N GLN A 556 -30.42 12.86 -2.94
CA GLN A 556 -29.39 12.53 -3.91
C GLN A 556 -28.36 11.59 -3.30
N TYR A 557 -28.04 11.79 -2.04
CA TYR A 557 -26.99 10.98 -1.41
C TYR A 557 -27.42 9.54 -1.24
N THR A 558 -28.64 9.31 -0.72
CA THR A 558 -29.09 7.96 -0.40
C THR A 558 -29.78 7.27 -1.57
N GLU A 559 -30.21 8.03 -2.56
CA GLU A 559 -31.03 7.52 -3.66
C GLU A 559 -32.31 6.86 -3.16
N GLY A 560 -32.73 7.19 -1.95
CA GLY A 560 -33.93 6.61 -1.38
C GLY A 560 -33.85 5.16 -0.97
N LYS A 561 -32.63 4.64 -0.78
CA LYS A 561 -32.44 3.22 -0.51
C LYS A 561 -31.99 3.02 0.94
N THR A 562 -32.50 1.98 1.57
CA THR A 562 -32.00 1.50 2.84
C THR A 562 -30.67 0.76 2.65
N GLU A 563 -30.01 0.47 3.76
CA GLU A 563 -28.80 -0.35 3.74
C GLU A 563 -29.03 -1.63 2.95
N MET A 564 -30.09 -2.37 3.27
CA MET A 564 -30.28 -3.68 2.63
C MET A 564 -30.70 -3.52 1.17
N GLU A 565 -31.38 -2.44 0.81
CA GLU A 565 -31.67 -2.20 -0.60
C GLU A 565 -30.41 -1.89 -1.40
N TRP A 566 -29.45 -1.13 -0.82
CA TRP A 566 -28.16 -0.94 -1.46
C TRP A 566 -27.46 -2.29 -1.67
N LEU A 567 -27.41 -3.11 -0.63
CA LEU A 567 -26.71 -4.38 -0.74
C LEU A 567 -27.35 -5.28 -1.79
N GLU A 568 -28.68 -5.30 -1.87
CA GLU A 568 -29.34 -6.12 -2.87
C GLU A 568 -29.02 -5.63 -4.28
N GLU A 569 -28.97 -4.29 -4.47
CA GLU A 569 -28.58 -3.74 -5.76
C GLU A 569 -27.17 -4.17 -6.13
N PHE A 570 -26.23 -4.09 -5.18
CA PHE A 570 -24.87 -4.53 -5.45
C PHE A 570 -24.80 -6.02 -5.75
N TYR A 571 -25.50 -6.84 -4.96
CA TYR A 571 -25.50 -8.28 -5.19
C TYR A 571 -26.07 -8.62 -6.56
N ASN A 572 -27.13 -7.94 -6.95
CA ASN A 572 -27.81 -8.28 -8.19
C ASN A 572 -26.96 -8.01 -9.42
N ALA A 573 -26.01 -7.08 -9.34
CA ALA A 573 -25.05 -6.93 -10.42
C ALA A 573 -24.28 -8.24 -10.65
N ALA A 574 -23.88 -8.90 -9.57
CA ALA A 574 -23.19 -10.18 -9.71
C ALA A 574 -24.14 -11.25 -10.21
N PHE A 575 -25.38 -11.25 -9.70
CA PHE A 575 -26.38 -12.24 -10.09
C PHE A 575 -26.60 -12.23 -11.59
N SER A 576 -26.78 -11.05 -12.17
CA SER A 576 -27.03 -10.92 -13.61
C SER A 576 -25.80 -11.28 -14.42
N ALA A 577 -24.62 -10.82 -14.00
CA ALA A 577 -23.39 -11.20 -14.71
C ALA A 577 -23.15 -12.70 -14.61
N ALA A 578 -23.39 -13.30 -13.44
CA ALA A 578 -23.22 -14.75 -13.33
C ALA A 578 -24.18 -15.49 -14.25
N ARG A 579 -25.44 -15.04 -14.31
CA ARG A 579 -26.41 -15.70 -15.18
C ARG A 579 -25.94 -15.66 -16.63
N ALA A 580 -25.40 -14.52 -17.08
CA ALA A 580 -24.90 -14.43 -18.44
C ALA A 580 -23.73 -15.37 -18.67
N ASN A 581 -22.94 -15.64 -17.63
CA ASN A 581 -21.86 -16.62 -17.68
C ASN A 581 -22.35 -18.04 -17.42
N ARG A 582 -23.67 -18.25 -17.34
CA ARG A 582 -24.27 -19.58 -17.15
C ARG A 582 -23.93 -20.17 -15.78
N VAL A 583 -23.93 -19.32 -14.76
CA VAL A 583 -23.70 -19.71 -13.36
C VAL A 583 -24.94 -19.28 -12.56
N ALA A 584 -25.59 -20.25 -11.93
CA ALA A 584 -26.76 -20.03 -11.10
C ALA A 584 -26.29 -19.55 -9.73
N MET A 585 -26.91 -18.47 -9.24
CA MET A 585 -26.69 -17.94 -7.91
C MET A 585 -28.02 -17.88 -7.16
N PRO A 586 -28.00 -18.01 -5.83
CA PRO A 586 -29.20 -17.70 -5.06
C PRO A 586 -29.53 -16.23 -5.19
N ARG A 587 -30.81 -15.89 -5.04
CA ARG A 587 -31.15 -14.48 -4.93
C ARG A 587 -30.63 -13.92 -3.60
N PHE A 588 -30.63 -12.60 -3.49
CA PHE A 588 -29.99 -11.97 -2.33
C PHE A 588 -30.59 -12.44 -1.00
N ASP A 589 -31.91 -12.53 -0.92
CA ASP A 589 -32.54 -12.87 0.35
C ASP A 589 -32.02 -14.19 0.88
N LYS A 590 -31.91 -15.19 0.00
CA LYS A 590 -31.43 -16.51 0.38
C LYS A 590 -29.96 -16.47 0.70
N PHE A 591 -29.16 -15.79 -0.13
CA PHE A 591 -27.74 -15.64 0.19
C PHE A 591 -27.55 -15.02 1.55
N TRP A 592 -28.30 -13.94 1.83
CA TRP A 592 -28.07 -13.21 3.07
C TRP A 592 -28.46 -14.06 4.29
N ALA A 593 -29.57 -14.80 4.17
CA ALA A 593 -30.01 -15.66 5.27
C ALA A 593 -29.01 -16.77 5.53
N GLU A 594 -28.43 -17.36 4.48
CA GLU A 594 -27.47 -18.43 4.66
C GLU A 594 -26.18 -17.94 5.35
N ASN A 595 -25.80 -16.69 5.13
CA ASN A 595 -24.64 -16.07 5.80
C ASN A 595 -23.38 -16.94 5.70
N LYS A 596 -23.07 -17.37 4.48
CA LYS A 596 -21.87 -18.14 4.16
C LYS A 596 -21.24 -17.58 2.90
N PRO A 597 -19.93 -17.73 2.72
CA PRO A 597 -19.34 -17.44 1.42
C PRO A 597 -20.06 -18.23 0.33
N LEU A 598 -20.28 -17.57 -0.80
CA LEU A 598 -20.79 -18.19 -2.02
C LEU A 598 -19.63 -18.28 -2.98
N SER A 599 -19.23 -19.50 -3.34
CA SER A 599 -18.02 -19.68 -4.12
C SER A 599 -18.27 -20.06 -5.57
N PHE A 600 -17.39 -19.56 -6.44
CA PHE A 600 -17.35 -19.85 -7.87
C PHE A 600 -16.13 -20.70 -8.16
N GLU A 601 -16.06 -21.27 -9.36
CA GLU A 601 -14.96 -22.11 -9.76
C GLU A 601 -14.27 -21.52 -10.99
N ALA A 602 -12.96 -21.75 -11.09
CA ALA A 602 -12.21 -21.35 -12.27
C ALA A 602 -12.23 -22.46 -13.32
N GLY A 603 -12.42 -22.06 -14.58
CA GLY A 603 -12.39 -23.00 -15.68
C GLY A 603 -11.01 -23.21 -16.26
N GLU A 604 -10.96 -24.07 -17.27
CA GLU A 604 -9.68 -24.44 -17.86
C GLU A 604 -9.00 -23.25 -18.52
N ALA A 605 -9.76 -22.34 -19.14
CA ALA A 605 -9.11 -21.21 -19.79
C ALA A 605 -8.36 -20.34 -18.77
N ALA A 606 -9.02 -20.02 -17.67
CA ALA A 606 -8.36 -19.22 -16.62
C ALA A 606 -7.17 -19.95 -16.03
N LYS A 607 -7.27 -21.27 -15.85
CA LYS A 607 -6.14 -21.99 -15.27
C LYS A 607 -4.93 -22.01 -16.20
N LYS A 608 -5.16 -21.85 -17.51
CA LYS A 608 -4.07 -21.91 -18.48
C LYS A 608 -3.65 -20.53 -18.99
N TRP A 609 -4.22 -19.45 -18.47
CA TRP A 609 -4.01 -18.14 -19.07
C TRP A 609 -2.59 -17.64 -18.84
N VAL A 610 -1.97 -17.15 -19.92
CA VAL A 610 -0.62 -16.62 -19.90
C VAL A 610 -0.68 -15.14 -20.29
N ARG A 611 -0.19 -14.28 -19.39
CA ARG A 611 -0.14 -12.86 -19.69
C ARG A 611 0.81 -12.59 -20.85
N TYR A 612 0.38 -11.72 -21.76
CA TYR A 612 1.16 -11.37 -22.97
C TYR A 612 1.27 -12.55 -23.93
N GLY A 613 0.46 -13.58 -23.74
CA GLY A 613 0.48 -14.70 -24.67
C GLY A 613 0.02 -14.31 -26.07
N GLU A 614 -0.99 -13.44 -26.14
CA GLU A 614 -1.46 -13.03 -27.47
C GLU A 614 -0.46 -12.11 -28.15
N PHE A 615 0.12 -11.16 -27.40
CA PHE A 615 1.23 -10.37 -27.91
C PHE A 615 2.35 -11.24 -28.43
N ARG A 616 2.74 -12.26 -27.65
CA ARG A 616 3.82 -13.11 -28.12
C ARG A 616 3.43 -13.86 -29.39
N GLU A 617 2.21 -14.37 -29.45
CA GLU A 617 1.78 -15.14 -30.60
C GLU A 617 1.86 -14.32 -31.89
N ASP A 618 1.36 -13.09 -31.87
CA ASP A 618 1.38 -12.24 -33.06
C ASP A 618 1.38 -10.77 -32.66
N PRO A 619 2.56 -10.16 -32.54
CA PRO A 619 2.60 -8.76 -32.06
C PRO A 619 2.14 -7.75 -33.10
N LEU A 620 2.03 -8.14 -34.37
CA LEU A 620 1.54 -7.22 -35.40
C LEU A 620 0.03 -7.07 -35.35
N LEU A 621 -0.68 -8.10 -34.90
CA LEU A 621 -2.14 -8.04 -34.77
C LEU A 621 -2.62 -7.89 -33.35
N ASN A 622 -1.77 -8.19 -32.36
CA ASN A 622 -2.05 -7.95 -30.94
C ASN A 622 -0.99 -7.00 -30.35
N PRO A 623 -0.80 -5.81 -30.94
CA PRO A 623 0.22 -4.89 -30.42
C PRO A 623 -0.15 -4.31 -29.06
N LEU A 624 0.88 -3.84 -28.37
CA LEU A 624 0.68 -3.08 -27.15
C LEU A 624 0.23 -1.65 -27.43
N GLY A 625 -0.38 -1.03 -26.44
CA GLY A 625 -0.86 0.34 -26.60
C GLY A 625 0.20 1.39 -26.37
N THR A 626 1.35 1.23 -27.06
CA THR A 626 2.49 2.10 -26.91
C THR A 626 2.74 2.79 -28.24
N PRO A 627 3.61 3.80 -28.30
CA PRO A 627 3.92 4.44 -29.60
C PRO A 627 4.37 3.48 -30.68
N SER A 628 5.12 2.45 -30.33
CA SER A 628 5.64 1.48 -31.30
C SER A 628 4.80 0.23 -31.44
N GLY A 629 3.80 0.03 -30.59
CA GLY A 629 3.14 -1.24 -30.49
C GLY A 629 3.94 -2.32 -29.80
N LYS A 630 5.14 -2.00 -29.31
CA LYS A 630 6.04 -2.93 -28.67
C LYS A 630 6.39 -2.45 -27.28
N ILE A 631 7.16 -3.29 -26.58
CA ILE A 631 7.75 -2.92 -25.29
C ILE A 631 8.77 -1.80 -25.49
N GLU A 632 8.60 -0.69 -24.78
CA GLU A 632 9.42 0.50 -25.00
C GLU A 632 10.58 0.49 -24.01
N ILE A 633 11.67 -0.15 -24.42
CA ILE A 633 12.90 -0.07 -23.64
C ILE A 633 13.48 1.34 -23.71
N PHE A 634 13.45 1.95 -24.88
CA PHE A 634 13.65 3.38 -25.05
C PHE A 634 12.29 3.98 -25.37
N SER A 635 11.89 4.99 -24.60
CA SER A 635 10.64 5.71 -24.80
C SER A 635 10.98 7.12 -25.30
N ASP A 636 10.68 7.38 -26.57
CA ASP A 636 10.91 8.72 -27.10
C ASP A 636 10.01 9.73 -26.40
N VAL A 637 8.81 9.32 -26.00
CA VAL A 637 7.90 10.20 -25.27
C VAL A 637 8.53 10.66 -23.97
N VAL A 638 9.12 9.74 -23.23
CA VAL A 638 9.76 10.11 -21.96
C VAL A 638 11.02 10.91 -22.21
N GLU A 639 11.82 10.50 -23.20
CA GLU A 639 13.03 11.25 -23.54
C GLU A 639 12.71 12.72 -23.80
N LYS A 640 11.65 12.96 -24.56
CA LYS A 640 11.30 14.31 -24.99
C LYS A 640 10.86 15.21 -23.84
N MET A 641 10.47 14.62 -22.69
CA MET A 641 10.16 15.41 -21.51
C MET A 641 11.40 16.09 -20.96
N ASN A 642 12.57 15.54 -21.22
CA ASN A 642 13.85 16.16 -20.88
C ASN A 642 13.99 16.36 -19.38
N TYR A 643 13.66 15.33 -18.62
CA TYR A 643 13.79 15.38 -17.18
C TYR A 643 15.16 14.89 -16.75
N ASN A 644 15.75 15.62 -15.80
CA ASN A 644 17.07 15.25 -15.30
C ASN A 644 17.06 13.96 -14.50
N ASP A 645 15.91 13.61 -13.91
CA ASP A 645 15.86 12.43 -13.05
C ASP A 645 15.02 11.29 -13.66
N CYS A 646 14.78 11.33 -14.97
CA CYS A 646 14.20 10.18 -15.67
C CYS A 646 14.54 10.31 -17.15
N LYS A 647 15.43 9.45 -17.64
CA LYS A 647 15.89 9.51 -19.02
C LYS A 647 14.99 8.66 -19.92
N GLY A 648 15.37 8.55 -21.19
CA GLY A 648 14.57 7.84 -22.17
C GLY A 648 14.66 6.33 -22.10
N HIS A 649 15.64 5.79 -21.38
CA HIS A 649 15.74 4.37 -21.15
C HIS A 649 16.09 4.18 -19.68
N PRO A 650 15.90 2.98 -19.14
CA PRO A 650 16.26 2.77 -17.72
C PRO A 650 17.72 3.09 -17.50
N SER A 651 18.04 3.69 -16.36
CA SER A 651 19.42 4.05 -16.05
C SER A 651 19.61 4.14 -14.53
N TRP A 652 20.87 4.08 -14.13
CA TRP A 652 21.26 4.23 -12.74
C TRP A 652 21.58 5.68 -12.43
N MET A 653 20.83 6.25 -11.51
CA MET A 653 21.04 7.60 -11.00
C MET A 653 21.15 7.49 -9.48
N GLU A 654 22.23 8.02 -8.90
CA GLU A 654 22.40 7.89 -7.48
C GLU A 654 21.37 8.75 -6.75
N PRO A 655 20.71 8.22 -5.73
CA PRO A 655 19.79 9.05 -4.94
C PRO A 655 20.55 9.85 -3.89
N GLU A 656 19.84 10.79 -3.25
CA GLU A 656 20.47 11.66 -2.27
C GLU A 656 20.94 10.89 -1.04
N GLU A 657 20.20 9.86 -0.64
CA GLU A 657 20.50 9.06 0.55
C GLU A 657 20.29 7.58 0.23
N PHE A 658 21.34 6.79 0.35
CA PHE A 658 21.27 5.34 0.29
C PHE A 658 22.61 4.77 0.77
N ALA A 659 22.71 3.43 0.80
CA ALA A 659 23.90 2.78 1.34
C ALA A 659 25.19 3.32 0.73
N GLY A 660 25.14 3.72 -0.54
CA GLY A 660 26.33 4.19 -1.22
C GLY A 660 26.81 5.59 -0.89
N ASN A 661 26.03 6.38 -0.15
CA ASN A 661 26.53 7.70 0.27
C ASN A 661 26.16 8.02 1.71
N VAL A 662 26.15 6.99 2.56
CA VAL A 662 26.11 7.20 3.99
C VAL A 662 27.29 8.08 4.41
N THR A 663 27.14 8.73 5.56
CA THR A 663 28.07 9.74 6.04
C THR A 663 28.54 9.39 7.44
N GLU A 664 29.51 10.17 7.93
CA GLU A 664 29.95 10.01 9.32
C GLU A 664 28.78 10.25 10.26
N GLU A 665 27.95 11.24 9.96
CA GLU A 665 26.84 11.59 10.83
C GLU A 665 25.72 10.57 10.75
N TYR A 666 25.45 10.06 9.56
CA TYR A 666 24.37 9.08 9.33
C TYR A 666 24.92 7.90 8.57
N PRO A 667 25.53 6.93 9.26
CA PRO A 667 26.30 5.88 8.58
C PRO A 667 25.52 4.64 8.16
N LEU A 668 24.22 4.55 8.45
CA LEU A 668 23.43 3.38 8.13
C LEU A 668 22.31 3.77 7.16
N ALA A 669 21.91 2.81 6.33
CA ALA A 669 20.76 2.99 5.44
C ALA A 669 19.51 2.39 6.09
N LEU A 670 18.35 2.91 5.70
CA LEU A 670 17.07 2.49 6.24
C LEU A 670 16.15 1.96 5.14
N VAL A 671 15.43 0.89 5.46
CA VAL A 671 14.31 0.42 4.62
C VAL A 671 13.10 0.25 5.52
N THR A 672 11.89 0.48 4.95
CA THR A 672 10.66 0.53 5.73
C THR A 672 9.58 -0.43 5.19
N PRO A 673 9.77 -1.73 5.38
CA PRO A 673 8.86 -2.74 4.79
C PRO A 673 7.50 -2.79 5.49
N HIS A 674 6.56 -3.45 4.81
CA HIS A 674 5.23 -3.57 5.40
C HIS A 674 5.17 -4.66 6.47
N PRO A 675 4.38 -4.45 7.51
CA PRO A 675 4.40 -5.32 8.68
C PRO A 675 3.56 -6.61 8.57
N TYR A 676 4.01 -7.62 9.30
CA TYR A 676 3.33 -8.92 9.32
C TYR A 676 2.08 -8.90 10.19
N TYR A 677 2.10 -8.20 11.33
CA TYR A 677 1.03 -8.27 12.32
C TYR A 677 0.19 -7.00 12.38
N ARG A 678 0.21 -6.21 11.30
CA ARG A 678 -0.67 -5.07 11.11
C ARG A 678 -0.99 -4.99 9.62
N LEU A 679 -2.07 -4.31 9.29
CA LEU A 679 -2.26 -3.72 7.97
C LEU A 679 -1.92 -2.24 8.12
N HIS A 680 -0.67 -1.87 7.76
CA HIS A 680 -0.17 -0.52 8.01
C HIS A 680 -0.28 -0.19 9.49
N SER A 681 -1.17 0.74 9.85
CA SER A 681 -1.39 1.09 11.24
C SER A 681 -2.57 0.36 11.87
N GLN A 682 -3.36 -0.34 11.07
CA GLN A 682 -4.52 -1.05 11.60
C GLN A 682 -4.07 -2.20 12.50
N LEU A 683 -4.77 -2.33 13.62
CA LEU A 683 -4.63 -3.39 14.60
C LEU A 683 -3.42 -3.15 15.51
N ALA A 684 -2.73 -2.03 15.36
CA ALA A 684 -1.61 -1.69 16.24
C ALA A 684 -2.01 -1.67 17.71
N HIS A 685 -3.26 -1.35 17.99
CA HIS A 685 -3.73 -1.16 19.36
C HIS A 685 -4.24 -2.44 20.01
N THR A 686 -4.17 -3.56 19.31
CA THR A 686 -4.73 -4.82 19.74
C THR A 686 -3.63 -5.67 20.40
N SER A 687 -4.02 -6.87 20.83
CA SER A 687 -3.09 -7.78 21.46
C SER A 687 -2.05 -8.34 20.50
N LEU A 688 -2.20 -8.13 19.19
CA LEU A 688 -1.14 -8.54 18.27
C LEU A 688 0.17 -7.82 18.57
N ARG A 689 0.13 -6.65 19.18
CA ARG A 689 1.34 -5.92 19.50
C ARG A 689 2.35 -6.80 20.23
N GLN A 690 1.86 -7.71 21.07
CA GLN A 690 2.76 -8.52 21.88
C GLN A 690 3.56 -9.51 21.03
N LYS A 691 3.15 -9.76 19.79
CA LYS A 691 3.87 -10.68 18.93
C LYS A 691 5.11 -10.07 18.29
N TYR A 692 5.31 -8.76 18.39
CA TYR A 692 6.48 -8.14 17.78
C TYR A 692 7.11 -7.02 18.60
N ALA A 693 6.41 -6.39 19.54
CA ALA A 693 7.03 -5.30 20.28
C ALA A 693 8.28 -5.77 20.99
N VAL A 694 9.30 -4.94 20.98
CA VAL A 694 10.56 -5.23 21.69
C VAL A 694 10.72 -4.13 22.70
N ASN A 695 10.66 -4.48 23.98
CA ASN A 695 10.79 -3.48 25.05
C ASN A 695 9.75 -2.39 24.86
N ASP A 696 8.55 -2.80 24.45
CA ASP A 696 7.40 -1.93 24.26
C ASP A 696 7.62 -0.90 23.15
N ARG A 697 8.47 -1.21 22.17
CA ARG A 697 8.64 -0.36 21.01
C ARG A 697 8.54 -1.19 19.74
N GLU A 698 8.40 -0.50 18.64
CA GLU A 698 8.53 -1.13 17.34
C GLU A 698 9.92 -1.74 17.20
N PRO A 699 10.04 -2.95 16.68
CA PRO A 699 11.36 -3.54 16.50
C PRO A 699 12.09 -2.94 15.31
N VAL A 700 13.41 -2.81 15.45
CA VAL A 700 14.29 -2.42 14.35
C VAL A 700 15.31 -3.52 14.17
N MET A 701 15.42 -4.03 12.94
CA MET A 701 16.38 -5.09 12.64
C MET A 701 17.75 -4.47 12.42
N ILE A 702 18.74 -5.01 13.15
CA ILE A 702 20.09 -4.46 13.16
C ILE A 702 21.08 -5.60 13.03
N HIS A 703 22.04 -5.48 12.13
CA HIS A 703 23.05 -6.51 11.93
C HIS A 703 23.98 -6.57 13.15
N PRO A 704 24.44 -7.76 13.54
CA PRO A 704 25.25 -7.86 14.77
C PRO A 704 26.50 -7.01 14.76
N GLU A 705 27.13 -6.78 13.62
CA GLU A 705 28.34 -5.96 13.63
C GLU A 705 28.02 -4.49 13.80
N ASP A 706 26.90 -4.03 13.25
CA ASP A 706 26.49 -2.66 13.48
C ASP A 706 26.04 -2.46 14.93
N ALA A 707 25.40 -3.48 15.50
CA ALA A 707 24.96 -3.40 16.89
C ALA A 707 26.16 -3.41 17.84
N ALA A 708 27.10 -4.33 17.60
CA ALA A 708 28.27 -4.43 18.47
C ALA A 708 29.08 -3.14 18.47
N ALA A 709 29.18 -2.47 17.32
CA ALA A 709 29.93 -1.23 17.26
C ALA A 709 29.34 -0.14 18.14
N ARG A 710 28.08 -0.27 18.54
CA ARG A 710 27.39 0.72 19.35
C ARG A 710 27.05 0.21 20.75
N GLY A 711 27.55 -0.95 21.13
CA GLY A 711 27.20 -1.52 22.42
C GLY A 711 25.74 -1.86 22.57
N ILE A 712 25.07 -2.22 21.46
CA ILE A 712 23.65 -2.55 21.46
C ILE A 712 23.48 -4.05 21.51
N LYS A 713 22.69 -4.53 22.46
CA LYS A 713 22.36 -5.94 22.57
C LYS A 713 20.89 -6.14 22.23
N ASP A 714 20.58 -7.37 21.80
CA ASP A 714 19.21 -7.71 21.47
C ASP A 714 18.28 -7.35 22.60
N GLY A 715 17.20 -6.64 22.28
CA GLY A 715 16.23 -6.22 23.26
C GLY A 715 16.42 -4.82 23.80
N ASP A 716 17.57 -4.20 23.58
CA ASP A 716 17.81 -2.85 24.03
C ASP A 716 16.91 -1.84 23.32
N ILE A 717 16.48 -0.81 24.06
CA ILE A 717 15.89 0.34 23.41
C ILE A 717 16.99 1.16 22.74
N VAL A 718 16.72 1.60 21.52
CA VAL A 718 17.65 2.41 20.76
C VAL A 718 16.94 3.64 20.26
N ARG A 719 17.71 4.70 20.03
CA ARG A 719 17.26 5.89 19.34
C ARG A 719 17.79 5.88 17.91
N ILE A 720 16.88 6.02 16.96
CA ILE A 720 17.21 6.14 15.55
C ILE A 720 16.95 7.59 15.15
N HIS A 721 17.89 8.19 14.41
CA HIS A 721 17.64 9.55 13.98
C HIS A 721 18.19 9.84 12.59
N SER A 722 17.50 10.75 11.92
CA SER A 722 17.82 11.23 10.59
C SER A 722 17.80 12.75 10.63
N LYS A 723 18.07 13.36 9.48
CA LYS A 723 17.91 14.82 9.43
C LYS A 723 16.48 15.25 9.69
N ARG A 724 15.51 14.36 9.49
CA ARG A 724 14.12 14.75 9.65
C ARG A 724 13.60 14.60 11.07
N GLY A 725 14.12 13.67 11.86
CA GLY A 725 13.54 13.41 13.16
C GLY A 725 14.20 12.23 13.85
N GLN A 726 13.57 11.81 14.94
CA GLN A 726 14.12 10.74 15.77
C GLN A 726 12.98 9.90 16.33
N VAL A 727 13.25 8.62 16.49
CA VAL A 727 12.28 7.68 17.06
C VAL A 727 13.02 6.74 18.01
N LEU A 728 12.26 6.16 18.95
CA LEU A 728 12.73 5.05 19.73
C LEU A 728 12.26 3.74 19.11
N ALA A 729 13.08 2.72 19.25
CA ALA A 729 12.77 1.39 18.74
C ALA A 729 13.44 0.35 19.63
N GLY A 730 13.05 -0.90 19.47
CA GLY A 730 13.62 -2.01 20.21
C GLY A 730 14.50 -2.86 19.31
N ALA A 731 15.72 -3.11 19.77
CA ALA A 731 16.69 -3.77 18.90
C ALA A 731 16.36 -5.24 18.69
N ALA A 732 16.31 -5.63 17.42
CA ALA A 732 16.24 -7.04 17.02
C ALA A 732 17.52 -7.29 16.26
N VAL A 733 18.52 -7.86 16.94
CA VAL A 733 19.86 -8.03 16.38
C VAL A 733 19.84 -9.34 15.59
N THR A 734 20.16 -9.26 14.30
CA THR A 734 19.96 -10.39 13.42
C THR A 734 20.84 -10.30 12.18
N GLU A 735 21.32 -11.44 11.73
CA GLU A 735 21.99 -11.51 10.44
C GLU A 735 21.00 -11.45 9.28
N ASN A 736 19.72 -11.32 9.56
CA ASN A 736 18.69 -11.28 8.52
C ASN A 736 18.51 -9.90 7.91
N ILE A 737 19.41 -8.97 8.16
CA ILE A 737 19.43 -7.70 7.45
C ILE A 737 20.86 -7.53 6.95
N ILE A 738 21.01 -7.04 5.73
CA ILE A 738 22.34 -6.84 5.16
C ILE A 738 23.13 -5.83 5.99
N LYS A 739 24.42 -6.11 6.19
CA LYS A 739 25.23 -5.21 7.01
C LYS A 739 25.21 -3.81 6.42
N GLY A 740 25.06 -2.81 7.31
CA GLY A 740 25.04 -1.42 6.87
C GLY A 740 23.64 -0.85 6.74
N THR A 741 22.62 -1.67 6.92
CA THR A 741 21.23 -1.31 6.74
C THR A 741 20.45 -1.73 7.97
N VAL A 742 19.44 -0.93 8.32
CA VAL A 742 18.49 -1.29 9.35
C VAL A 742 17.10 -1.28 8.73
N ALA A 743 16.19 -2.08 9.29
CA ALA A 743 14.82 -2.14 8.79
C ALA A 743 13.86 -1.83 9.93
N LEU A 744 12.95 -0.88 9.67
CA LEU A 744 11.91 -0.48 10.62
C LEU A 744 10.61 -0.53 9.84
N HIS A 745 9.69 -1.41 10.23
CA HIS A 745 8.48 -1.57 9.45
C HIS A 745 7.59 -0.34 9.57
N GLU A 746 6.93 0.02 8.47
CA GLU A 746 5.99 1.13 8.51
C GLU A 746 4.73 0.75 9.30
N GLY A 747 4.06 1.76 9.83
CA GLY A 747 2.74 1.61 10.44
C GLY A 747 2.62 1.83 11.93
N ALA A 748 3.73 1.91 12.67
CA ALA A 748 3.60 2.15 14.11
C ALA A 748 3.00 3.53 14.34
N TRP A 749 2.15 3.65 15.35
CA TRP A 749 1.47 4.93 15.61
C TRP A 749 2.45 5.97 16.18
N TYR A 750 2.59 7.06 15.47
CA TYR A 750 3.35 8.23 15.89
C TYR A 750 2.93 8.72 17.27
N ASP A 751 3.91 8.87 18.16
CA ASP A 751 3.64 9.22 19.56
C ASP A 751 4.67 10.24 20.01
N PRO A 752 4.50 11.50 19.60
CA PRO A 752 5.57 12.48 19.74
C PRO A 752 5.74 12.98 21.16
N MET A 753 6.98 13.33 21.48
CA MET A 753 7.30 14.02 22.73
C MET A 753 7.47 15.53 22.56
N PRO A 761 11.22 16.64 17.16
CA PRO A 761 10.45 15.84 18.12
C PRO A 761 10.72 14.35 17.98
N LEU A 762 10.53 13.66 19.10
CA LEU A 762 10.88 12.24 19.27
C LEU A 762 9.61 11.41 19.33
N CYS A 763 9.50 10.42 18.45
CA CYS A 763 8.42 9.43 18.57
C CYS A 763 8.81 8.33 19.54
N LYS A 764 8.02 8.17 20.59
CA LYS A 764 8.28 7.14 21.60
C LYS A 764 8.00 5.72 21.11
N ASN A 765 7.30 5.56 19.99
CA ASN A 765 6.75 4.26 19.62
C ASN A 765 7.42 3.65 18.39
N GLY A 766 8.03 4.46 17.54
CA GLY A 766 8.81 3.91 16.44
C GLY A 766 8.16 4.07 15.07
N CYS A 767 7.49 5.20 14.85
CA CYS A 767 6.87 5.49 13.55
C CYS A 767 7.93 5.81 12.51
N ALA A 768 8.10 4.94 11.52
CA ALA A 768 9.20 5.07 10.58
C ALA A 768 9.18 6.37 9.80
N ASN A 769 8.00 6.91 9.50
CA ASN A 769 7.97 8.09 8.65
C ASN A 769 8.38 9.36 9.36
N VAL A 770 8.67 9.31 10.67
CA VAL A 770 9.39 10.42 11.31
C VAL A 770 10.77 10.60 10.71
N LEU A 771 11.35 9.53 10.16
CA LEU A 771 12.74 9.54 9.69
C LEU A 771 12.85 9.86 8.21
N THR A 772 11.80 9.62 7.43
CA THR A 772 11.97 9.56 5.98
C THR A 772 11.89 10.92 5.33
N ARG A 773 12.44 10.98 4.11
CA ARG A 773 12.39 12.17 3.27
C ARG A 773 11.05 12.25 2.56
N ASP A 774 10.52 13.46 2.44
CA ASP A 774 9.29 13.73 1.70
C ASP A 774 9.66 14.39 0.37
N GLU A 775 9.83 13.58 -0.66
CA GLU A 775 10.18 14.10 -1.97
C GLU A 775 9.66 13.18 -3.07
N GLY A 776 9.47 13.75 -4.26
CA GLY A 776 9.01 12.96 -5.39
C GLY A 776 10.07 12.03 -5.93
N THR A 777 9.61 10.87 -6.43
CA THR A 777 10.53 9.90 -7.04
C THR A 777 11.35 10.56 -8.14
N SER A 778 10.70 11.34 -8.97
CA SER A 778 11.30 12.06 -10.09
C SER A 778 10.17 12.92 -10.65
N LYS A 779 10.51 13.75 -11.64
CA LYS A 779 9.48 14.56 -12.27
C LYS A 779 8.51 13.72 -13.10
N LEU A 780 8.86 12.48 -13.43
CA LEU A 780 7.93 11.68 -14.21
C LEU A 780 6.68 11.35 -13.41
N ALA A 781 6.85 10.69 -12.26
CA ALA A 781 5.71 10.21 -11.50
C ALA A 781 5.42 10.98 -10.23
N GLN A 782 6.41 11.66 -9.66
CA GLN A 782 6.28 12.31 -8.36
C GLN A 782 5.68 11.36 -7.31
N GLY A 783 6.18 10.11 -7.29
CA GLY A 783 5.76 9.15 -6.28
C GLY A 783 6.43 9.42 -4.95
N ASN A 784 5.98 8.71 -3.91
CA ASN A 784 6.61 8.87 -2.59
C ASN A 784 7.90 8.06 -2.53
N SER A 785 8.88 8.54 -1.73
CA SER A 785 10.25 8.03 -1.77
C SER A 785 10.84 7.67 -0.41
N PRO A 786 10.13 6.87 0.39
CA PRO A 786 10.65 6.58 1.73
C PRO A 786 11.91 5.73 1.78
N ASN A 787 12.13 4.80 0.85
CA ASN A 787 13.14 3.77 1.08
C ASN A 787 14.54 4.16 0.62
N THR A 788 14.78 5.45 0.38
CA THR A 788 16.12 6.00 0.14
C THR A 788 16.38 6.94 1.31
N CYS A 789 17.05 6.45 2.34
CA CYS A 789 17.13 7.18 3.61
C CYS A 789 18.35 6.69 4.39
N ILE A 790 19.07 7.63 5.03
CA ILE A 790 20.18 7.27 5.91
C ILE A 790 19.96 7.83 7.32
N VAL A 791 20.47 7.08 8.30
CA VAL A 791 20.18 7.26 9.71
C VAL A 791 21.41 6.96 10.56
N GLN A 792 21.33 7.34 11.83
CA GLN A 792 22.25 6.90 12.88
C GLN A 792 21.43 6.21 13.97
N ILE A 793 22.06 5.27 14.66
CA ILE A 793 21.46 4.59 15.80
C ILE A 793 22.41 4.67 16.98
N GLU A 794 21.84 4.84 18.17
CA GLU A 794 22.57 4.78 19.43
C GLU A 794 21.71 4.10 20.48
N LYS A 795 22.37 3.48 21.45
CA LYS A 795 21.65 2.90 22.58
C LYS A 795 20.97 3.99 23.39
N PHE A 796 19.71 3.74 23.77
CA PHE A 796 18.99 4.67 24.64
C PHE A 796 19.35 4.36 26.08
N ILE A 797 19.78 5.39 26.82
CA ILE A 797 20.30 5.22 28.17
C ILE A 797 19.23 5.65 29.16
N GLY A 798 18.86 4.74 30.06
CA GLY A 798 18.00 5.07 31.17
C GLY A 798 16.54 4.64 31.01
N VAL A 799 15.72 5.19 31.93
CA VAL A 799 14.28 4.95 31.93
C VAL A 799 13.68 5.41 30.63
N ALA A 800 12.94 4.50 29.96
CA ALA A 800 12.33 4.86 28.67
C ALA A 800 10.90 5.34 28.87
N PRO A 801 10.42 6.27 28.04
CA PRO A 801 9.08 6.81 28.23
C PRO A 801 7.98 5.83 27.83
N GLU A 802 6.87 5.90 28.58
CA GLU A 802 5.70 5.08 28.27
C GLU A 802 5.02 5.55 26.97
N VAL A 803 4.62 4.59 26.15
CA VAL A 803 3.80 4.89 24.97
C VAL A 803 2.37 5.17 25.42
N THR A 804 1.85 6.34 25.01
CA THR A 804 0.56 6.84 25.44
C THR A 804 -0.48 6.92 24.32
N VAL A 805 -0.11 6.53 23.10
CA VAL A 805 -0.97 6.79 21.95
C VAL A 805 -2.12 5.81 21.82
N PHE A 806 -2.21 4.82 22.70
CA PHE A 806 -3.37 3.93 22.67
C PHE A 806 -4.37 4.25 23.78
N LYS A 807 -4.15 5.31 24.55
CA LYS A 807 -5.06 5.71 25.62
C LYS A 807 -6.03 6.79 25.12
N GLN A 808 -7.14 6.95 25.83
CA GLN A 808 -8.05 8.05 25.55
C GLN A 808 -7.30 9.38 25.71
N PRO A 809 -7.57 10.36 24.85
CA PRO A 809 -6.83 11.63 24.92
C PRO A 809 -7.29 12.51 26.09
N LYS A 810 -6.52 13.59 26.30
CA LYS A 810 -6.78 14.57 27.35
C LYS A 810 -8.10 15.28 27.10
N GLN A 811 -9.03 15.18 28.05
CA GLN A 811 -10.30 15.90 27.97
C GLN A 811 -10.39 16.99 29.02
N VAL A 812 -11.48 17.76 28.94
CA VAL A 812 -11.72 18.90 29.81
C VAL A 812 -12.24 18.43 31.16
N ALA A 813 -11.88 19.17 32.21
CA ALA A 813 -12.31 18.89 33.57
C ALA A 813 -13.60 19.64 33.92
N1 EPE B . -7.67 -0.28 -6.79
C2 EPE B . -6.29 -0.45 -7.28
C3 EPE B . -5.31 -0.76 -6.16
N4 EPE B . -5.56 0.04 -4.96
C5 EPE B . -6.94 0.16 -4.55
C6 EPE B . -7.74 0.69 -5.71
C7 EPE B . -4.54 0.08 -3.95
C8 EPE B . -3.95 1.49 -3.87
O8 EPE B . -4.88 2.37 -3.28
C9 EPE B . -8.51 0.22 -7.87
C10 EPE B . -9.95 -0.15 -7.58
S EPE B . -10.86 -0.61 -9.06
O1S EPE B . -9.95 -1.29 -10.00
O2S EPE B . -11.39 0.59 -9.68
O3S EPE B . -11.93 -1.53 -8.69
H21 EPE B . -5.98 0.47 -7.78
H22 EPE B . -6.26 -1.26 -8.01
H31 EPE B . -5.39 -1.81 -5.90
H32 EPE B . -4.30 -0.56 -6.50
H51 EPE B . -7.02 0.82 -3.69
H52 EPE B . -7.32 -0.83 -4.25
H61 EPE B . -7.34 1.65 -6.04
H62 EPE B . -8.78 0.86 -5.42
H71 EPE B . -3.76 -0.64 -4.18
H72 EPE B . -4.97 -0.19 -2.99
H81 EPE B . -3.70 1.83 -4.88
H82 EPE B . -3.03 1.46 -3.29
HO8 EPE B . -5.59 1.86 -2.85
H91 EPE B . -8.41 1.30 -7.96
H92 EPE B . -8.21 -0.21 -8.83
H101 EPE B . -9.97 -0.98 -6.87
H102 EPE B . -10.46 0.69 -7.10
N1 EPE C . -8.01 -11.03 -18.65
C2 EPE C . -7.45 -12.25 -18.02
C3 EPE C . -7.67 -13.41 -18.97
N4 EPE C . -9.07 -13.57 -19.36
C5 EPE C . -9.75 -12.35 -19.79
C6 EPE C . -9.46 -11.16 -18.88
C7 EPE C . -9.48 -14.79 -20.03
C8 EPE C . -9.05 -16.10 -19.34
O8 EPE C . -9.52 -16.14 -18.01
C9 EPE C . -7.84 -9.90 -17.74
C10 EPE C . -6.55 -9.22 -18.17
S EPE C . -6.23 -7.69 -17.27
O1S EPE C . -6.43 -7.88 -15.81
O2S EPE C . -4.87 -7.36 -17.66
O3S EPE C . -7.14 -6.64 -17.74
H21 EPE C . -7.96 -12.44 -17.07
H22 EPE C . -6.40 -12.12 -17.82
H31 EPE C . -7.34 -14.33 -18.50
H32 EPE C . -7.07 -13.26 -19.87
H51 EPE C . -10.82 -12.54 -19.82
H52 EPE C . -9.42 -12.10 -20.80
H61 EPE C . -9.97 -11.30 -17.91
H62 EPE C . -9.85 -10.25 -19.32
H71 EPE C . -9.05 -14.79 -21.04
H72 EPE C . -10.56 -14.79 -20.12
H81 EPE C . -7.96 -16.18 -19.34
H82 EPE C . -9.45 -16.95 -19.90
HO8 EPE C . -10.13 -15.38 -17.85
H91 EPE C . -8.67 -9.21 -17.81
H92 EPE C . -7.76 -10.24 -16.71
H101 EPE C . -5.72 -9.91 -18.00
H102 EPE C . -6.59 -9.01 -19.24
PB MGD D . 7.08 -3.88 1.00
O1B MGD D . 7.09 -2.35 1.02
O2B MGD D . 7.06 -4.54 2.32
O3B MGD D . 5.74 -4.48 0.28
O3A MGD D . 3.71 -4.60 -1.17
PA MGD D . 5.30 -4.25 -1.28
O1A MGD D . 5.93 -5.25 -2.16
O2A MGD D . 5.51 -2.84 -1.71
O5' MGD D . 8.32 -4.45 0.10
C5' MGD D . 8.46 -5.85 -0.13
C4' MGD D . 9.96 -6.14 0.07
O4' MGD D . 10.66 -5.31 -0.68
C3' MGD D . 10.39 -5.89 1.64
O3' MGD D . 10.72 -7.20 2.19
C2' MGD D . 11.26 -4.97 1.58
O2' MGD D . 12.46 -5.23 2.46
C1' MGD D . 11.88 -4.92 0.13
N9 MGD D . 12.44 -3.83 -0.37
C8 MGD D . 12.18 -2.58 0.00
N7 MGD D . 12.96 -1.74 -0.74
C5 MGD D . 13.72 -2.51 -1.54
C6 MGD D . 14.79 -2.23 -2.58
O6 MGD D . 15.18 -1.14 -2.87
N1 MGD D . 15.34 -3.34 -3.24
C2 MGD D . 14.96 -4.66 -2.95
N2 MGD D . 15.53 -5.75 -3.63
N3 MGD D . 13.95 -4.93 -1.96
C4 MGD D . 13.39 -3.78 -1.30
C10 MGD D . 3.04 -3.58 -0.49
C11 MGD D . 1.56 -3.94 -0.53
O11 MGD D . 1.28 -4.96 0.67
C12 MGD D . 0.76 -2.89 -0.36
S12 MGD D . 0.99 -1.36 -1.27
C13 MGD D . -0.28 -2.73 0.70
S13 MGD D . -1.25 -1.23 0.80
C14 MGD D . -0.54 -3.81 1.60
N15 MGD D . 0.20 -3.40 2.90
C16 MGD D . 0.26 -4.51 3.77
C17 MGD D . 0.49 -4.30 5.21
O17 MGD D . 0.62 -3.22 5.73
N18 MGD D . 0.55 -5.50 6.06
C19 MGD D . 0.42 -6.87 5.47
N19 MGD D . 0.51 -8.01 6.29
N20 MGD D . 0.20 -7.08 4.04
C21 MGD D . 0.13 -5.96 3.20
N22 MGD D . -0.09 -6.24 1.86
C23 MGD D . -0.09 -5.02 0.94
H5'1 MGD D . 8.19 -6.08 -1.03
H5'2 MGD D . 7.94 -6.36 0.51
H4' MGD D . 10.19 -7.05 -0.17
H3' MGD D . 9.71 -5.51 2.23
H2' MGD D . 10.77 -4.16 1.81
HO2' MGD D . 12.67 -4.51 2.85
H1' MGD D . 12.64 -5.53 0.14
H8 MGD D . 11.56 -2.33 0.64
HN1 MGD D . 15.94 -3.21 -3.85
HN21 MGD D . 15.29 -6.56 -3.44
HN22 MGD D . 16.15 -5.61 -4.21
H101 MGD D . 3.19 -2.73 -0.94
H102 MGD D . 3.35 -3.51 0.42
H11 MGD D . 1.41 -4.31 -1.41
H14 MGD D . -1.47 -3.95 1.85
H15 MGD D . 0.51 -2.62 3.06
H18 MGD D . 0.65 -5.41 6.90
H191 MGD D . 0.61 -7.92 7.13
H192 MGD D . 0.41 -8.79 5.93
H22 MGD D . -0.21 -7.04 1.58
H23 MGD D . -0.65 -5.14 0.16
PB MGD E . -4.15 2.35 7.45
O1B MGD E . -4.73 1.15 6.73
O2B MGD E . -3.43 2.04 8.75
O3B MGD E . -3.00 3.10 6.60
O3A MGD E . -1.73 4.23 4.71
PA MGD E . -3.26 4.11 5.32
O1A MGD E . -3.58 5.46 5.81
O2A MGD E . -4.18 3.50 4.32
O5' MGD E . -5.27 3.53 7.78
C5' MGD E . -6.64 3.15 7.60
C4' MGD E . -7.51 3.91 8.60
O4' MGD E . -8.79 3.77 8.32
C3' MGD E . -7.27 3.34 10.14
O3' MGD E . -6.75 4.48 10.90
C2' MGD E . -8.43 2.83 10.45
O2' MGD E . -8.83 3.05 11.89
C1' MGD E . -9.54 3.55 9.63
N9 MGD E . -10.70 2.95 9.31
C8 MGD E . -10.83 1.63 9.03
N7 MGD E . -12.15 1.38 8.70
C5 MGD E . -12.80 2.54 8.78
C6 MGD E . -14.22 2.98 8.57
O6 MGD E . -15.09 2.23 8.21
N1 MGD E . -14.52 4.35 8.77
C2 MGD E . -13.57 5.30 9.14
N2 MGD E . -13.90 6.66 9.31
N3 MGD E . -12.22 4.90 9.35
C4 MGD E . -11.89 3.50 9.16
C10 MGD E . -1.22 3.12 3.99
C11 MGD E . -0.18 3.68 2.99
O11 MGD E . 1.14 3.83 3.87
C12 MGD E . 0.05 2.89 1.97
S12 MGD E . -1.26 1.96 1.15
C13 MGD E . 1.37 2.66 1.35
S13 MGD E . 1.64 1.41 0.07
C14 MGD E . 2.50 3.32 1.94
N15 MGD E . 3.44 2.18 2.43
C16 MGD E . 4.57 2.73 3.07
C17 MGD E . 5.88 2.05 3.06
O17 MGD E . 6.09 1.00 2.53
N18 MGD E . 6.98 2.69 3.77
C19 MGD E . 6.81 4.01 4.43
N19 MGD E . 7.91 4.58 5.12
N20 MGD E . 5.52 4.71 4.42
C21 MGD E . 4.43 4.13 3.76
N22 MGD E . 3.24 4.82 3.80
C23 MGD E . 2.02 4.25 3.02
H5'1 MGD E . -6.92 3.36 6.69
H5'2 MGD E . -6.74 2.19 7.75
H4' MGD E . -7.29 4.86 8.57
H3' MGD E . -6.66 2.61 10.28
H2' MGD E . -8.32 1.90 10.22
HO2' MGD E . -8.90 2.29 12.28
H1' MGD E . -9.82 4.30 10.19
H8 MGD E . -10.14 1.01 9.06
HN1 MGD E . -15.34 4.61 8.67
HN21 MGD E . -14.71 6.91 9.20
HN22 MGD E . -13.30 7.22 9.56
H101 MGD E . -1.94 2.69 3.51
H102 MGD E . -0.80 2.50 4.59
H11 MGD E . -0.54 4.51 2.61
H14 MGD E . 3.00 3.85 1.32
H15 MGD E . 3.29 1.34 2.34
H18 MGD E . 7.74 2.30 3.80
H191 MGD E . 8.66 4.16 5.11
H192 MGD E . 7.83 5.35 5.50
H22 MGD E . 3.17 5.55 4.25
H23 MGD E . 1.51 4.96 2.58
MO MO F . -0.42 0.42 -0.48
CL CL G . 6.63 -23.67 -23.54
N1 EPE H . -2.94 -5.78 -21.47
C2 EPE H . -3.66 -5.06 -22.53
C3 EPE H . -4.26 -3.78 -21.98
N4 EPE H . -5.12 -4.03 -20.83
C5 EPE H . -4.63 -5.01 -19.87
C6 EPE H . -3.93 -6.23 -20.48
C7 EPE H . -5.89 -2.92 -20.26
C8 EPE H . -5.91 -1.64 -21.08
O8 EPE H . -4.72 -0.89 -20.88
C9 EPE H . -2.17 -6.80 -22.20
C10 EPE H . -1.81 -8.05 -21.43
S EPE H . -2.83 -9.37 -22.14
O1S EPE H . -3.01 -9.17 -23.57
O2S EPE H . -2.25 -10.68 -21.91
O3S EPE H . -4.09 -9.27 -21.44
H21 EPE H . -4.45 -5.69 -22.93
H22 EPE H . -2.98 -4.82 -23.34
H31 EPE H . -4.84 -3.28 -22.75
H32 EPE H . -3.45 -3.10 -21.67
H51 EPE H . -5.47 -5.35 -19.27
H52 EPE H . -3.92 -4.50 -19.19
H61 EPE H . -4.67 -6.87 -20.97
H62 EPE H . -3.45 -6.81 -19.70
H71 EPE H . -6.91 -3.26 -20.12
H72 EPE H . -5.47 -2.69 -19.28
H81 EPE H . -6.77 -1.03 -20.78
H82 EPE H . -6.03 -1.87 -22.14
HO8 EPE H . -4.11 -1.41 -20.31
H91 EPE H . -2.75 -7.09 -23.08
H92 EPE H . -1.24 -6.34 -22.55
H101 EPE H . -0.76 -8.28 -21.53
H102 EPE H . -2.03 -7.93 -20.36
O O I . -2.47 1.03 -1.47
O O I . -2.00 0.83 -1.37
#